data_4YFF
#
_entry.id   4YFF
#
_cell.length_a   85.447
_cell.length_b   106.071
_cell.length_c   93.239
_cell.angle_alpha   90.00
_cell.angle_beta   93.78
_cell.angle_gamma   90.00
#
_symmetry.space_group_name_H-M   'P 1 21 1'
#
loop_
_entity.id
_entity.type
_entity.pdbx_description
1 polymer 'Serine/threonine-protein kinase TNNI3K'
2 non-polymer 3-[(5-bromo-7H-pyrrolo[2,3-d]pyrimidin-4-yl)amino]-N-methyl-4-(morpholin-4-yl)benzenesulfonamide
3 water water
#
_entity_poly.entity_id   1
_entity_poly.type   'polypeptide(L)'
_entity_poly.pdbx_seq_one_letter_code
;GGDGSYVSVPSPLGKIKSMTKEKADILLLRAGLPSHFHLQLSEIEFHEIIGSGSFGKVYKGRCRNKIVAIKRYRANTYCS
KSDVDMFCREVSILCQLNHPCVIQFVGACLNDPSQFAIVTQYISGGSLFSLLHEQKRILDLQSKLIIAVDVAKGMEYLHN
LTQPIIHRDLNSHNILLYEDGHAVVADFGESRFLQSLDEDNMTKQPGNLRWMAPEVFTQCTRYTIKADVFSYALCLWEIL
TGEIPFAHLKPAAAAADMAYHHIRPPIGYSIPKPISSLLIRGWNACPEGRPEFSEVVMKLEECLCNIELMS
;
_entity_poly.pdbx_strand_id   A,B,C,D
#
loop_
_chem_comp.id
_chem_comp.type
_chem_comp.name
_chem_comp.formula
4CV non-polymer 3-[(5-bromo-7H-pyrrolo[2,3-d]pyrimidin-4-yl)amino]-N-methyl-4-(morpholin-4-yl)benzenesulfonamide 'C17 H19 Br N6 O3 S'
#
# COMPACT_ATOMS: atom_id res chain seq x y z
N ILE A 26 -10.09 -38.58 -20.36
CA ILE A 26 -11.42 -39.10 -20.82
C ILE A 26 -11.31 -40.11 -21.96
N LEU A 27 -10.33 -39.93 -22.84
CA LEU A 27 -10.00 -40.92 -23.86
C LEU A 27 -9.28 -42.10 -23.20
N LEU A 28 -8.29 -41.80 -22.35
CA LEU A 28 -7.59 -42.82 -21.56
C LEU A 28 -8.58 -43.67 -20.76
N LEU A 29 -9.57 -43.01 -20.14
CA LEU A 29 -10.61 -43.68 -19.34
C LEU A 29 -11.59 -44.51 -20.18
N ARG A 30 -12.16 -43.90 -21.23
CA ARG A 30 -13.07 -44.60 -22.13
C ARG A 30 -12.44 -45.91 -22.65
N ALA A 31 -11.11 -45.92 -22.77
CA ALA A 31 -10.34 -47.11 -23.20
C ALA A 31 -10.15 -48.18 -22.11
N GLY A 32 -9.89 -47.73 -20.88
CA GLY A 32 -9.57 -48.62 -19.76
C GLY A 32 -10.77 -49.20 -19.02
N LEU A 33 -11.81 -48.39 -18.88
CA LEU A 33 -13.08 -48.85 -18.31
C LEU A 33 -13.75 -49.86 -19.22
N PRO A 34 -14.04 -51.07 -18.69
CA PRO A 34 -14.74 -52.07 -19.50
C PRO A 34 -15.99 -51.51 -20.12
N SER A 35 -16.27 -51.89 -21.35
CA SER A 35 -17.37 -51.28 -22.10
C SER A 35 -18.75 -51.55 -21.46
N HIS A 36 -18.95 -52.70 -20.82
CA HIS A 36 -20.26 -52.98 -20.21
C HIS A 36 -20.69 -51.95 -19.18
N PHE A 37 -19.73 -51.22 -18.61
CA PHE A 37 -20.02 -50.11 -17.70
C PHE A 37 -20.44 -48.84 -18.43
N HIS A 38 -20.07 -48.70 -19.70
CA HIS A 38 -20.35 -47.47 -20.46
C HIS A 38 -21.86 -47.32 -20.61
N LEU A 39 -22.40 -46.21 -20.10
CA LEU A 39 -23.82 -45.92 -20.20
C LEU A 39 -24.07 -44.69 -21.02
N GLN A 40 -25.21 -44.67 -21.70
CA GLN A 40 -25.69 -43.48 -22.39
C GLN A 40 -26.73 -42.82 -21.50
N LEU A 41 -26.68 -41.51 -21.42
CA LEU A 41 -27.62 -40.77 -20.60
C LEU A 41 -29.08 -41.19 -20.89
N SER A 42 -29.39 -41.42 -22.17
CA SER A 42 -30.72 -41.87 -22.55
C SER A 42 -31.15 -43.21 -21.92
N GLU A 43 -30.19 -44.02 -21.47
CA GLU A 43 -30.49 -45.31 -20.79
C GLU A 43 -30.91 -45.12 -19.33
N ILE A 44 -30.72 -43.89 -18.82
CA ILE A 44 -30.98 -43.58 -17.44
C ILE A 44 -32.25 -42.74 -17.29
N GLU A 45 -33.06 -43.15 -16.34
CA GLU A 45 -34.32 -42.50 -16.01
C GLU A 45 -34.14 -41.86 -14.64
N PHE A 46 -34.28 -40.55 -14.56
CA PHE A 46 -34.06 -39.83 -13.30
C PHE A 46 -35.38 -39.57 -12.61
N HIS A 47 -35.57 -40.12 -11.42
CA HIS A 47 -36.78 -39.81 -10.66
C HIS A 47 -36.55 -38.64 -9.72
N GLU A 48 -36.26 -38.89 -8.45
CA GLU A 48 -36.20 -37.82 -7.47
C GLU A 48 -34.79 -37.45 -7.19
N ILE A 49 -34.61 -36.29 -6.56
CA ILE A 49 -33.34 -35.91 -5.97
C ILE A 49 -33.40 -36.44 -4.54
N ILE A 50 -32.40 -37.24 -4.17
CA ILE A 50 -32.27 -37.80 -2.81
C ILE A 50 -31.09 -37.27 -2.01
N GLY A 51 -30.24 -36.47 -2.65
CA GLY A 51 -29.10 -35.86 -1.99
C GLY A 51 -28.46 -34.77 -2.85
N SER A 52 -27.64 -33.94 -2.22
CA SER A 52 -27.14 -32.73 -2.87
C SER A 52 -25.70 -32.34 -2.49
N GLY A 53 -25.21 -31.28 -3.12
CA GLY A 53 -23.88 -30.74 -2.87
C GLY A 53 -23.39 -29.84 -3.99
N SER A 54 -22.20 -29.26 -3.80
CA SER A 54 -21.59 -28.35 -4.78
C SER A 54 -21.16 -29.11 -6.04
N PHE A 55 -20.51 -30.24 -5.80
CA PHE A 55 -20.09 -31.19 -6.85
C PHE A 55 -21.19 -31.54 -7.85
N GLY A 56 -22.41 -31.66 -7.33
CA GLY A 56 -23.55 -32.11 -8.10
C GLY A 56 -24.60 -32.74 -7.20
N LYS A 57 -25.61 -33.32 -7.84
CA LYS A 57 -26.77 -33.86 -7.16
C LYS A 57 -26.91 -35.35 -7.40
N VAL A 58 -27.66 -35.99 -6.52
CA VAL A 58 -27.79 -37.43 -6.51
C VAL A 58 -29.27 -37.76 -6.63
N TYR A 59 -29.62 -38.46 -7.70
CA TYR A 59 -31.00 -38.81 -8.01
C TYR A 59 -31.27 -40.27 -7.76
N LYS A 60 -32.47 -40.59 -7.29
CA LYS A 60 -32.98 -41.95 -7.43
C LYS A 60 -33.47 -42.09 -8.88
N GLY A 61 -33.50 -43.32 -9.39
CA GLY A 61 -33.89 -43.54 -10.78
C GLY A 61 -33.99 -45.01 -11.18
N ARG A 62 -33.87 -45.24 -12.49
CA ARG A 62 -33.94 -46.59 -13.06
C ARG A 62 -32.95 -46.76 -14.23
N CYS A 63 -32.33 -47.92 -14.31
CA CYS A 63 -31.33 -48.17 -15.36
C CYS A 63 -31.18 -49.66 -15.62
N ARG A 64 -31.28 -50.04 -16.90
CA ARG A 64 -31.21 -51.44 -17.29
C ARG A 64 -32.02 -52.29 -16.35
N ASN A 65 -33.29 -51.91 -16.20
CA ASN A 65 -34.23 -52.62 -15.34
C ASN A 65 -33.79 -52.84 -13.90
N LYS A 66 -32.99 -51.92 -13.39
CA LYS A 66 -32.57 -51.94 -12.00
C LYS A 66 -32.99 -50.63 -11.37
N ILE A 67 -33.31 -50.67 -10.08
CA ILE A 67 -33.51 -49.44 -9.32
C ILE A 67 -32.11 -48.97 -8.95
N VAL A 68 -31.77 -47.73 -9.27
CA VAL A 68 -30.40 -47.24 -9.07
C VAL A 68 -30.33 -45.84 -8.47
N ALA A 69 -29.16 -45.50 -7.96
CA ALA A 69 -28.86 -44.14 -7.55
C ALA A 69 -27.89 -43.57 -8.55
N ILE A 70 -28.11 -42.30 -8.95
CA ILE A 70 -27.26 -41.62 -9.92
C ILE A 70 -26.64 -40.38 -9.33
N LYS A 71 -25.32 -40.28 -9.40
CA LYS A 71 -24.63 -39.03 -9.10
C LYS A 71 -24.37 -38.35 -10.43
N ARG A 72 -24.84 -37.12 -10.55
CA ARG A 72 -24.60 -36.31 -11.74
C ARG A 72 -23.77 -35.05 -11.42
N TYR A 73 -22.71 -34.81 -12.19
CA TYR A 73 -21.89 -33.62 -12.03
C TYR A 73 -22.60 -32.34 -12.56
N ARG A 74 -22.34 -31.19 -11.90
CA ARG A 74 -23.06 -29.94 -12.19
C ARG A 74 -23.13 -29.52 -13.66
N SER A 82 -10.17 -29.53 -14.14
CA SER A 82 -10.09 -30.19 -12.83
C SER A 82 -11.34 -31.03 -12.48
N ASP A 83 -12.53 -30.59 -12.90
CA ASP A 83 -13.77 -31.38 -12.74
C ASP A 83 -13.71 -32.73 -13.47
N VAL A 84 -13.11 -32.71 -14.67
CA VAL A 84 -12.88 -33.93 -15.44
C VAL A 84 -12.03 -34.90 -14.65
N ASP A 85 -10.89 -34.42 -14.16
CA ASP A 85 -9.94 -35.27 -13.45
C ASP A 85 -10.56 -35.85 -12.17
N MET A 86 -11.47 -35.12 -11.54
CA MET A 86 -12.19 -35.59 -10.36
C MET A 86 -13.12 -36.78 -10.72
N PHE A 87 -13.87 -36.62 -11.82
CA PHE A 87 -14.82 -37.64 -12.30
C PHE A 87 -14.12 -38.88 -12.85
N CYS A 88 -13.02 -38.68 -13.56
CA CYS A 88 -12.24 -39.80 -14.11
C CYS A 88 -11.64 -40.63 -12.99
N ARG A 89 -11.12 -39.97 -11.96
CA ARG A 89 -10.64 -40.68 -10.77
C ARG A 89 -11.73 -41.52 -10.11
N GLU A 90 -12.88 -40.89 -9.86
CA GLU A 90 -13.96 -41.53 -9.12
C GLU A 90 -14.46 -42.78 -9.84
N VAL A 91 -14.52 -42.74 -11.16
CA VAL A 91 -14.93 -43.90 -11.95
C VAL A 91 -13.86 -45.00 -11.88
N SER A 92 -12.61 -44.61 -12.09
CA SER A 92 -11.46 -45.52 -11.97
C SER A 92 -11.47 -46.28 -10.65
N ILE A 93 -11.89 -45.60 -9.59
CA ILE A 93 -11.95 -46.23 -8.29
C ILE A 93 -13.17 -47.13 -8.21
N LEU A 94 -14.34 -46.63 -8.61
CA LEU A 94 -15.58 -47.41 -8.45
C LEU A 94 -15.54 -48.71 -9.23
N CYS A 95 -15.06 -48.67 -10.47
CA CYS A 95 -15.06 -49.87 -11.30
C CYS A 95 -14.13 -51.01 -10.78
N GLN A 96 -13.32 -50.73 -9.77
CA GLN A 96 -12.49 -51.75 -9.13
C GLN A 96 -13.26 -52.53 -8.08
N LEU A 97 -14.41 -52.01 -7.65
CA LEU A 97 -14.99 -52.43 -6.38
C LEU A 97 -16.03 -53.53 -6.51
N ASN A 98 -15.77 -54.62 -5.82
CA ASN A 98 -16.71 -55.70 -5.65
C ASN A 98 -16.58 -56.24 -4.26
N HIS A 99 -17.57 -55.92 -3.44
CA HIS A 99 -17.63 -56.42 -2.09
C HIS A 99 -19.00 -56.09 -1.54
N PRO A 100 -19.60 -57.03 -0.80
CA PRO A 100 -20.98 -56.82 -0.37
C PRO A 100 -21.16 -55.73 0.68
N CYS A 101 -20.06 -55.29 1.31
CA CYS A 101 -20.08 -54.10 2.19
C CYS A 101 -19.71 -52.77 1.53
N VAL A 102 -19.57 -52.80 0.21
CA VAL A 102 -19.25 -51.58 -0.53
C VAL A 102 -20.24 -51.42 -1.66
N ILE A 103 -20.72 -50.19 -1.84
CA ILE A 103 -21.72 -49.90 -2.88
C ILE A 103 -21.37 -50.53 -4.24
N GLN A 104 -22.39 -51.05 -4.90
CA GLN A 104 -22.19 -51.80 -6.13
C GLN A 104 -22.25 -50.86 -7.31
N PHE A 105 -21.12 -50.70 -7.98
CA PHE A 105 -21.04 -49.85 -9.16
C PHE A 105 -21.85 -50.49 -10.28
N VAL A 106 -22.53 -49.65 -11.07
CA VAL A 106 -23.30 -50.15 -12.23
C VAL A 106 -22.73 -49.64 -13.54
N GLY A 107 -22.35 -48.37 -13.58
CA GLY A 107 -21.78 -47.80 -14.79
C GLY A 107 -21.67 -46.30 -14.66
N ALA A 108 -21.10 -45.66 -15.68
CA ALA A 108 -21.03 -44.20 -15.75
C ALA A 108 -21.33 -43.75 -17.17
N CYS A 109 -21.66 -42.47 -17.34
CA CYS A 109 -21.78 -41.87 -18.69
C CYS A 109 -20.54 -41.03 -19.01
N LEU A 110 -19.84 -41.37 -20.09
CA LEU A 110 -18.57 -40.72 -20.43
C LEU A 110 -18.58 -39.92 -21.73
N ASN A 111 -19.76 -39.66 -22.30
CA ASN A 111 -19.85 -38.94 -23.58
C ASN A 111 -19.04 -37.66 -23.61
N ASP A 112 -19.48 -36.67 -22.82
CA ASP A 112 -18.76 -35.41 -22.65
C ASP A 112 -19.06 -34.84 -21.26
N PRO A 113 -18.28 -33.85 -20.82
CA PRO A 113 -18.49 -33.27 -19.49
C PRO A 113 -19.94 -32.95 -19.12
N SER A 114 -20.70 -32.39 -20.05
CA SER A 114 -22.11 -32.04 -19.80
C SER A 114 -22.94 -33.26 -19.37
N GLN A 115 -22.63 -34.40 -19.98
CA GLN A 115 -23.38 -35.64 -19.73
C GLN A 115 -22.98 -36.30 -18.41
N PHE A 116 -21.72 -36.15 -18.01
CA PHE A 116 -21.11 -36.92 -16.91
C PHE A 116 -22.04 -37.36 -15.77
N ALA A 117 -22.09 -38.68 -15.54
CA ALA A 117 -22.91 -39.28 -14.46
C ALA A 117 -22.38 -40.63 -13.99
N ILE A 118 -22.68 -40.93 -12.73
CA ILE A 118 -22.24 -42.14 -12.08
C ILE A 118 -23.45 -42.87 -11.49
N VAL A 119 -23.51 -44.17 -11.75
CA VAL A 119 -24.65 -45.00 -11.36
C VAL A 119 -24.19 -46.14 -10.46
N THR A 120 -24.94 -46.32 -9.37
CA THR A 120 -24.69 -47.42 -8.45
C THR A 120 -26.02 -48.04 -8.08
N GLN A 121 -25.98 -49.13 -7.33
CA GLN A 121 -27.17 -49.72 -6.78
C GLN A 121 -27.84 -48.68 -5.89
N TYR A 122 -29.13 -48.91 -5.67
CA TYR A 122 -29.92 -48.13 -4.73
C TYR A 122 -30.19 -49.02 -3.52
N ILE A 123 -30.21 -48.41 -2.34
CA ILE A 123 -30.49 -49.14 -1.10
C ILE A 123 -31.62 -48.47 -0.35
N SER A 124 -32.69 -49.24 -0.09
CA SER A 124 -33.95 -48.65 0.35
C SER A 124 -33.91 -48.11 1.77
N GLY A 125 -33.17 -48.77 2.65
CA GLY A 125 -33.20 -48.42 4.07
C GLY A 125 -32.56 -47.09 4.44
N GLY A 126 -32.00 -46.37 3.46
CA GLY A 126 -31.56 -45.00 3.66
C GLY A 126 -30.27 -44.87 4.44
N SER A 127 -29.89 -43.63 4.74
CA SER A 127 -28.61 -43.38 5.39
C SER A 127 -28.69 -43.71 6.88
N LEU A 128 -27.54 -44.07 7.43
CA LEU A 128 -27.39 -44.32 8.86
C LEU A 128 -27.65 -43.06 9.66
N PHE A 129 -27.20 -41.93 9.12
CA PHE A 129 -27.47 -40.62 9.72
C PHE A 129 -28.96 -40.46 9.98
N SER A 130 -29.76 -40.66 8.94
CA SER A 130 -31.21 -40.53 9.05
C SER A 130 -31.72 -41.43 10.15
N LEU A 131 -31.39 -42.70 10.06
CA LEU A 131 -31.87 -43.70 11.01
C LEU A 131 -31.67 -43.21 12.44
N LEU A 132 -30.46 -42.77 12.74
CA LEU A 132 -30.08 -42.39 14.10
C LEU A 132 -30.61 -41.05 14.52
N HIS A 133 -30.60 -40.08 13.62
CA HIS A 133 -30.79 -38.66 13.98
C HIS A 133 -32.08 -38.00 13.53
N GLU A 134 -32.73 -38.58 12.52
CA GLU A 134 -33.98 -38.03 11.97
C GLU A 134 -35.14 -38.91 12.39
N GLN A 135 -35.10 -40.17 11.97
CA GLN A 135 -36.08 -41.16 12.40
C GLN A 135 -35.88 -41.56 13.86
N LYS A 136 -34.69 -41.28 14.39
CA LYS A 136 -34.36 -41.55 15.79
C LYS A 136 -34.76 -42.95 16.27
N ARG A 137 -34.66 -43.92 15.36
CA ARG A 137 -35.00 -45.31 15.65
C ARG A 137 -34.00 -45.88 16.67
N ILE A 138 -34.50 -46.57 17.67
CA ILE A 138 -33.67 -47.04 18.79
C ILE A 138 -33.25 -48.48 18.54
N LEU A 139 -31.97 -48.67 18.24
CA LEU A 139 -31.40 -49.98 17.91
C LEU A 139 -30.75 -50.66 19.11
N ASP A 140 -30.85 -51.98 19.16
CA ASP A 140 -30.22 -52.74 20.23
C ASP A 140 -28.81 -53.06 19.85
N LEU A 141 -28.02 -53.51 20.83
CA LEU A 141 -26.58 -53.64 20.67
C LEU A 141 -26.18 -54.54 19.51
N GLN A 142 -26.84 -55.67 19.38
CA GLN A 142 -26.57 -56.57 18.28
C GLN A 142 -26.72 -55.83 16.94
N SER A 143 -27.80 -55.09 16.78
CA SER A 143 -28.08 -54.40 15.51
C SER A 143 -27.01 -53.40 15.16
N LYS A 144 -26.59 -52.65 16.17
CA LYS A 144 -25.53 -51.64 16.06
C LYS A 144 -24.20 -52.25 15.65
N LEU A 145 -23.84 -53.37 16.28
CA LEU A 145 -22.59 -54.03 15.94
C LEU A 145 -22.62 -54.55 14.53
N ILE A 146 -23.71 -55.20 14.13
CA ILE A 146 -23.82 -55.69 12.77
C ILE A 146 -23.44 -54.57 11.81
N ILE A 147 -23.96 -53.39 12.03
CA ILE A 147 -23.63 -52.26 11.18
C ILE A 147 -22.15 -51.95 11.26
N ALA A 148 -21.67 -51.77 12.47
CA ALA A 148 -20.26 -51.45 12.71
C ALA A 148 -19.35 -52.48 12.03
N VAL A 149 -19.70 -53.74 12.18
CA VAL A 149 -18.92 -54.83 11.59
C VAL A 149 -18.94 -54.74 10.08
N ASP A 150 -20.12 -54.58 9.49
CA ASP A 150 -20.23 -54.49 8.04
C ASP A 150 -19.40 -53.33 7.49
N VAL A 151 -19.46 -52.18 8.15
CA VAL A 151 -18.71 -51.03 7.65
C VAL A 151 -17.20 -51.29 7.72
N ALA A 152 -16.78 -51.90 8.84
CA ALA A 152 -15.37 -52.23 9.04
C ALA A 152 -14.88 -53.21 7.98
N LYS A 153 -15.74 -54.15 7.60
CA LYS A 153 -15.42 -55.13 6.57
C LYS A 153 -15.20 -54.46 5.22
N GLY A 154 -16.07 -53.50 4.89
CA GLY A 154 -15.93 -52.72 3.66
C GLY A 154 -14.62 -51.94 3.62
N MET A 155 -14.30 -51.31 4.75
CA MET A 155 -13.06 -50.55 4.85
C MET A 155 -11.82 -51.48 4.77
N GLU A 156 -11.88 -52.60 5.48
CA GLU A 156 -10.85 -53.61 5.38
C GLU A 156 -10.63 -53.90 3.90
N TYR A 157 -11.72 -54.26 3.22
CA TYR A 157 -11.67 -54.56 1.79
C TYR A 157 -10.89 -53.50 1.01
N LEU A 158 -11.31 -52.24 1.17
CA LEU A 158 -10.70 -51.12 0.44
C LEU A 158 -9.21 -50.98 0.74
N HIS A 159 -8.87 -51.04 2.02
CA HIS A 159 -7.49 -50.84 2.49
C HIS A 159 -6.53 -51.97 2.09
N ASN A 160 -7.06 -53.17 1.86
CA ASN A 160 -6.24 -54.32 1.51
C ASN A 160 -6.29 -54.76 0.03
N LEU A 161 -6.78 -53.89 -0.83
CA LEU A 161 -6.65 -54.12 -2.26
C LEU A 161 -5.19 -54.06 -2.66
N THR A 162 -4.85 -54.64 -3.80
CA THR A 162 -3.49 -54.55 -4.32
C THR A 162 -3.04 -53.11 -4.21
N GLN A 163 -3.83 -52.21 -4.80
CA GLN A 163 -3.61 -50.79 -4.70
C GLN A 163 -4.68 -50.20 -3.77
N PRO A 164 -4.34 -50.06 -2.47
CA PRO A 164 -5.28 -49.59 -1.45
C PRO A 164 -5.98 -48.28 -1.82
N ILE A 165 -7.24 -48.19 -1.40
CA ILE A 165 -8.07 -47.02 -1.63
C ILE A 165 -8.36 -46.40 -0.29
N ILE A 166 -8.28 -45.07 -0.25
CA ILE A 166 -8.70 -44.31 0.91
C ILE A 166 -10.04 -43.71 0.54
N HIS A 167 -11.02 -43.90 1.42
CA HIS A 167 -12.35 -43.38 1.18
C HIS A 167 -12.33 -41.88 1.36
N ARG A 168 -11.73 -41.45 2.46
CA ARG A 168 -11.49 -40.02 2.77
C ARG A 168 -12.76 -39.20 3.04
N ASP A 169 -13.90 -39.84 3.21
CA ASP A 169 -15.17 -39.14 3.46
C ASP A 169 -16.21 -40.01 4.14
N LEU A 170 -15.73 -40.91 5.00
CA LEU A 170 -16.57 -41.82 5.73
C LEU A 170 -17.33 -41.12 6.84
N ASN A 171 -18.66 -41.26 6.81
CA ASN A 171 -19.54 -40.66 7.80
C ASN A 171 -20.88 -41.38 7.77
N SER A 172 -21.78 -40.99 8.66
CA SER A 172 -23.09 -41.64 8.77
C SER A 172 -24.03 -41.35 7.61
N HIS A 173 -23.75 -40.32 6.81
CA HIS A 173 -24.47 -40.09 5.55
C HIS A 173 -24.09 -41.10 4.47
N ASN A 174 -22.83 -41.51 4.50
CA ASN A 174 -22.27 -42.44 3.53
C ASN A 174 -22.23 -43.89 4.01
N ILE A 175 -23.01 -44.19 5.05
CA ILE A 175 -23.32 -45.57 5.44
C ILE A 175 -24.82 -45.82 5.19
N LEU A 176 -25.09 -46.63 4.19
CA LEU A 176 -26.45 -46.90 3.75
C LEU A 176 -26.89 -48.25 4.25
N LEU A 177 -28.18 -48.41 4.44
CA LEU A 177 -28.71 -49.55 5.16
C LEU A 177 -29.73 -50.37 4.38
N TYR A 178 -29.47 -51.67 4.26
CA TYR A 178 -30.48 -52.58 3.77
C TYR A 178 -31.64 -52.68 4.75
N GLU A 179 -32.83 -53.02 4.24
CA GLU A 179 -34.00 -53.26 5.10
C GLU A 179 -33.68 -54.24 6.23
N ASP A 180 -32.81 -55.22 6.00
CA ASP A 180 -32.48 -56.23 7.02
C ASP A 180 -31.39 -55.81 7.99
N GLY A 181 -30.95 -54.56 7.92
CA GLY A 181 -30.06 -54.01 8.93
C GLY A 181 -28.57 -54.19 8.68
N HIS A 182 -28.20 -54.84 7.57
CA HIS A 182 -26.81 -54.81 7.09
C HIS A 182 -26.52 -53.46 6.42
N ALA A 183 -25.24 -53.19 6.19
CA ALA A 183 -24.80 -51.84 5.76
C ALA A 183 -23.73 -51.86 4.68
N VAL A 184 -23.69 -50.79 3.90
CA VAL A 184 -22.64 -50.64 2.92
C VAL A 184 -22.07 -49.21 2.85
N VAL A 185 -20.80 -49.13 2.45
CA VAL A 185 -20.09 -47.86 2.35
C VAL A 185 -20.28 -47.30 0.94
N ALA A 186 -20.63 -46.02 0.87
CA ALA A 186 -21.02 -45.40 -0.38
C ALA A 186 -20.23 -44.14 -0.66
N ASP A 187 -20.45 -43.55 -1.83
CA ASP A 187 -19.87 -42.26 -2.22
C ASP A 187 -18.33 -42.18 -2.20
N PHE A 188 -17.74 -42.43 -3.36
CA PHE A 188 -16.30 -42.43 -3.50
C PHE A 188 -15.75 -41.16 -4.12
N GLY A 189 -16.56 -40.10 -4.05
CA GLY A 189 -16.25 -38.80 -4.66
C GLY A 189 -15.08 -38.05 -4.05
N GLU A 190 -14.60 -38.48 -2.89
CA GLU A 190 -13.38 -37.90 -2.31
C GLU A 190 -12.23 -38.91 -2.25
N SER A 191 -12.47 -40.10 -2.78
CA SER A 191 -11.57 -41.19 -2.56
C SER A 191 -10.34 -41.05 -3.40
N ARG A 192 -9.24 -41.55 -2.87
CA ARG A 192 -7.94 -41.49 -3.52
C ARG A 192 -7.26 -42.84 -3.36
N PHE A 193 -6.54 -43.27 -4.39
CA PHE A 193 -5.61 -44.40 -4.27
C PHE A 193 -4.45 -44.02 -3.35
N LEU A 194 -4.02 -44.95 -2.51
CA LEU A 194 -2.83 -44.75 -1.67
C LEU A 194 -1.57 -44.81 -2.54
N GLN A 195 -0.70 -43.80 -2.40
CA GLN A 195 0.48 -43.64 -3.28
C GLN A 195 1.67 -44.51 -2.82
N SER A 196 2.66 -44.71 -3.71
CA SER A 196 3.85 -45.52 -3.41
C SER A 196 5.12 -44.77 -3.76
N ASN A 208 13.30 -27.85 7.78
CA ASN A 208 13.53 -28.69 8.94
C ASN A 208 12.35 -28.78 9.92
N LEU A 209 12.06 -30.02 10.31
CA LEU A 209 10.84 -30.37 11.01
C LEU A 209 10.91 -30.13 12.51
N ARG A 210 12.12 -29.98 13.05
CA ARG A 210 12.28 -29.78 14.49
C ARG A 210 11.68 -28.48 15.02
N TRP A 211 11.48 -27.50 14.13
CA TRP A 211 10.95 -26.20 14.49
C TRP A 211 9.55 -25.92 13.90
N MET A 212 8.94 -26.92 13.28
CA MET A 212 7.63 -26.73 12.64
C MET A 212 6.47 -26.71 13.65
N ALA A 213 5.53 -25.79 13.42
CA ALA A 213 4.26 -25.83 14.11
C ALA A 213 3.57 -27.14 13.75
N PRO A 214 2.84 -27.75 14.70
CA PRO A 214 2.22 -29.04 14.42
C PRO A 214 1.36 -29.05 13.15
N GLU A 215 0.60 -27.99 12.93
CA GLU A 215 -0.30 -27.93 11.76
C GLU A 215 0.49 -27.85 10.46
N VAL A 216 1.69 -27.31 10.51
CA VAL A 216 2.54 -27.30 9.32
C VAL A 216 3.13 -28.68 9.08
N PHE A 217 3.62 -29.31 10.14
CA PHE A 217 4.11 -30.70 10.09
C PHE A 217 3.08 -31.68 9.56
N THR A 218 1.81 -31.42 9.88
CA THR A 218 0.71 -32.28 9.47
C THR A 218 0.37 -32.09 8.00
N GLN A 219 0.55 -30.87 7.48
CA GLN A 219 0.35 -30.58 6.06
C GLN A 219 1.37 -31.29 5.19
N CYS A 220 2.60 -31.36 5.66
CA CYS A 220 3.69 -31.96 4.89
C CYS A 220 3.68 -33.47 4.89
N THR A 221 3.02 -34.07 5.88
CA THR A 221 2.88 -35.52 5.94
C THR A 221 1.69 -35.90 5.07
N ARG A 222 1.91 -36.76 4.08
CA ARG A 222 0.80 -37.23 3.25
C ARG A 222 -0.05 -38.15 4.10
N TYR A 223 -1.38 -37.99 4.04
CA TYR A 223 -2.29 -38.82 4.84
C TYR A 223 -2.31 -40.25 4.31
N THR A 224 -2.67 -41.17 5.20
CA THR A 224 -2.66 -42.57 4.87
C THR A 224 -4.08 -43.13 5.01
N ILE A 225 -4.21 -44.42 4.77
CA ILE A 225 -5.44 -45.13 5.09
C ILE A 225 -5.89 -44.99 6.55
N LYS A 226 -5.00 -44.56 7.42
CA LYS A 226 -5.35 -44.38 8.81
C LYS A 226 -6.38 -43.27 9.07
N ALA A 227 -6.45 -42.30 8.15
CA ALA A 227 -7.46 -41.25 8.24
C ALA A 227 -8.85 -41.84 8.24
N ASP A 228 -9.03 -42.93 7.50
CA ASP A 228 -10.33 -43.57 7.49
C ASP A 228 -10.66 -44.13 8.87
N VAL A 229 -9.66 -44.67 9.55
CA VAL A 229 -9.91 -45.33 10.83
C VAL A 229 -10.41 -44.30 11.86
N PHE A 230 -9.86 -43.09 11.78
CA PHE A 230 -10.28 -42.02 12.68
C PHE A 230 -11.74 -41.65 12.42
N SER A 231 -12.10 -41.46 11.15
CA SER A 231 -13.48 -41.19 10.80
C SER A 231 -14.37 -42.32 11.34
N TYR A 232 -13.95 -43.56 11.10
CA TYR A 232 -14.71 -44.72 11.53
C TYR A 232 -14.98 -44.67 13.02
N ALA A 233 -13.94 -44.39 13.79
CA ALA A 233 -14.07 -44.34 15.25
C ALA A 233 -15.26 -43.48 15.65
N LEU A 234 -15.32 -42.29 15.09
CA LEU A 234 -16.42 -41.36 15.36
C LEU A 234 -17.75 -41.97 14.97
N CYS A 235 -17.80 -42.55 13.78
CA CYS A 235 -19.00 -43.24 13.37
C CYS A 235 -19.41 -44.23 14.45
N LEU A 236 -18.47 -45.08 14.87
CA LEU A 236 -18.74 -46.10 15.89
C LEU A 236 -19.29 -45.54 17.20
N TRP A 237 -18.82 -44.37 17.59
CA TRP A 237 -19.34 -43.71 18.77
C TRP A 237 -20.73 -43.16 18.47
N GLU A 238 -20.83 -42.51 17.33
CA GLU A 238 -22.11 -42.02 16.83
C GLU A 238 -23.18 -43.12 16.87
N ILE A 239 -22.82 -44.33 16.47
CA ILE A 239 -23.77 -45.43 16.48
C ILE A 239 -24.18 -45.77 17.90
N LEU A 240 -23.19 -45.99 18.76
CA LEU A 240 -23.47 -46.46 20.11
C LEU A 240 -24.27 -45.45 20.91
N THR A 241 -23.89 -44.19 20.81
CA THR A 241 -24.54 -43.16 21.61
C THR A 241 -25.86 -42.74 21.00
N GLY A 242 -25.95 -42.85 19.68
CA GLY A 242 -27.09 -42.33 18.95
C GLY A 242 -26.84 -40.87 18.59
N GLU A 243 -25.74 -40.31 19.07
CA GLU A 243 -25.50 -38.87 19.01
C GLU A 243 -24.57 -38.47 17.87
N ILE A 244 -24.84 -37.32 17.25
CA ILE A 244 -23.88 -36.69 16.32
C ILE A 244 -22.66 -36.25 17.13
N PRO A 245 -21.46 -36.51 16.62
CA PRO A 245 -20.27 -36.04 17.32
C PRO A 245 -20.28 -34.51 17.55
N PHE A 246 -20.06 -34.08 18.78
CA PHE A 246 -20.04 -32.67 19.08
C PHE A 246 -21.30 -32.04 18.52
N ALA A 247 -22.45 -32.69 18.78
CA ALA A 247 -23.76 -32.27 18.23
C ALA A 247 -24.01 -30.77 18.33
N HIS A 248 -23.53 -30.19 19.42
CA HIS A 248 -23.72 -28.78 19.72
C HIS A 248 -22.77 -27.85 18.97
N LEU A 249 -21.91 -28.39 18.10
CA LEU A 249 -20.94 -27.55 17.38
C LEU A 249 -21.14 -27.65 15.90
N LYS A 250 -20.84 -26.54 15.22
CA LYS A 250 -20.79 -26.55 13.77
C LYS A 250 -19.55 -27.31 13.35
N PRO A 251 -19.58 -27.91 12.15
CA PRO A 251 -18.54 -28.84 11.72
C PRO A 251 -17.11 -28.33 11.93
N ALA A 252 -16.85 -27.11 11.48
CA ALA A 252 -15.52 -26.52 11.53
C ALA A 252 -14.99 -26.35 12.96
N ALA A 253 -15.90 -26.05 13.87
CA ALA A 253 -15.56 -25.91 15.29
C ALA A 253 -15.17 -27.26 15.87
N ALA A 254 -15.94 -28.29 15.52
CA ALA A 254 -15.71 -29.67 16.00
C ALA A 254 -14.36 -30.17 15.52
N ALA A 255 -14.10 -29.99 14.23
CA ALA A 255 -12.80 -30.32 13.65
C ALA A 255 -11.68 -29.63 14.39
N ALA A 256 -11.89 -28.34 14.65
CA ALA A 256 -10.92 -27.51 15.35
C ALA A 256 -10.59 -28.07 16.72
N ASP A 257 -11.62 -28.47 17.46
CA ASP A 257 -11.41 -29.00 18.81
C ASP A 257 -10.68 -30.33 18.80
N MET A 258 -11.07 -31.21 17.90
CA MET A 258 -10.40 -32.47 17.75
C MET A 258 -8.95 -32.25 17.31
N ALA A 259 -8.77 -31.36 16.34
CA ALA A 259 -7.46 -31.13 15.75
C ALA A 259 -6.51 -30.40 16.70
N TYR A 260 -6.93 -29.26 17.20
CA TYR A 260 -6.06 -28.39 17.98
C TYR A 260 -6.12 -28.65 19.49
N HIS A 261 -7.32 -28.62 20.07
CA HIS A 261 -7.46 -28.86 21.51
C HIS A 261 -7.48 -30.36 21.89
N HIS A 262 -7.33 -31.25 20.91
CA HIS A 262 -7.21 -32.70 21.15
C HIS A 262 -8.41 -33.30 21.87
N ILE A 263 -9.56 -32.69 21.69
CA ILE A 263 -10.77 -33.18 22.34
C ILE A 263 -11.41 -34.31 21.54
N ARG A 264 -12.06 -35.21 22.24
CA ARG A 264 -12.80 -36.27 21.61
C ARG A 264 -14.12 -36.40 22.31
N PRO A 265 -15.12 -36.98 21.66
CA PRO A 265 -16.37 -37.16 22.35
C PRO A 265 -16.19 -37.91 23.64
N PRO A 266 -17.14 -37.71 24.58
CA PRO A 266 -17.10 -38.34 25.89
C PRO A 266 -17.27 -39.81 25.74
N ILE A 267 -16.49 -40.56 26.52
CA ILE A 267 -16.62 -42.00 26.57
C ILE A 267 -17.19 -42.34 27.93
N GLY A 268 -18.46 -42.74 27.95
CA GLY A 268 -19.14 -43.15 29.18
C GLY A 268 -18.58 -44.44 29.77
N TYR A 269 -18.78 -44.62 31.07
CA TYR A 269 -18.36 -45.84 31.75
C TYR A 269 -19.13 -47.08 31.27
N SER A 270 -20.36 -46.87 30.79
CA SER A 270 -21.26 -47.97 30.40
C SER A 270 -20.95 -48.59 29.03
N ILE A 271 -20.14 -47.93 28.22
CA ILE A 271 -19.68 -48.48 26.96
C ILE A 271 -18.77 -49.70 27.19
N PRO A 272 -19.03 -50.81 26.49
CA PRO A 272 -18.20 -52.00 26.67
C PRO A 272 -16.70 -51.77 26.41
N LYS A 273 -15.88 -52.46 27.19
CA LYS A 273 -14.42 -52.28 27.17
C LYS A 273 -13.79 -52.44 25.79
N PRO A 274 -14.04 -53.58 25.12
CA PRO A 274 -13.37 -53.82 23.83
C PRO A 274 -13.64 -52.71 22.81
N ILE A 275 -14.81 -52.09 22.90
CA ILE A 275 -15.18 -50.98 22.03
C ILE A 275 -14.49 -49.68 22.41
N SER A 276 -14.57 -49.32 23.68
CA SER A 276 -13.92 -48.10 24.16
C SER A 276 -12.44 -48.13 23.80
N SER A 277 -11.82 -49.31 23.94
CA SER A 277 -10.45 -49.51 23.48
C SER A 277 -10.34 -49.10 22.02
N LEU A 278 -11.09 -49.76 21.15
CA LEU A 278 -11.10 -49.42 19.72
C LEU A 278 -11.29 -47.92 19.46
N LEU A 279 -12.19 -47.30 20.22
CA LEU A 279 -12.40 -45.86 20.09
C LEU A 279 -11.14 -45.10 20.47
N ILE A 280 -10.68 -45.30 21.69
CA ILE A 280 -9.48 -44.61 22.17
C ILE A 280 -8.35 -44.72 21.14
N ARG A 281 -8.09 -45.93 20.66
CA ARG A 281 -7.02 -46.17 19.70
C ARG A 281 -7.36 -45.57 18.33
N GLY A 282 -8.58 -45.81 17.89
CA GLY A 282 -9.02 -45.40 16.57
C GLY A 282 -8.97 -43.91 16.28
N TRP A 283 -9.18 -43.09 17.31
CA TRP A 283 -9.12 -41.65 17.13
C TRP A 283 -7.94 -41.03 17.86
N ASN A 284 -6.89 -41.83 17.98
CA ASN A 284 -5.61 -41.32 18.44
C ASN A 284 -5.09 -40.31 17.42
N ALA A 285 -4.61 -39.18 17.92
CA ALA A 285 -4.08 -38.15 17.04
C ALA A 285 -2.94 -38.70 16.20
N CYS A 286 -2.16 -39.62 16.77
CA CYS A 286 -1.08 -40.26 16.03
C CYS A 286 -1.65 -41.32 15.08
N PRO A 287 -1.58 -41.08 13.75
CA PRO A 287 -2.19 -42.05 12.84
C PRO A 287 -1.68 -43.46 13.03
N GLU A 288 -0.40 -43.62 13.30
CA GLU A 288 0.24 -44.94 13.32
C GLU A 288 -0.27 -45.76 14.51
N GLY A 289 -0.84 -45.07 15.50
CA GLY A 289 -1.44 -45.72 16.67
C GLY A 289 -2.88 -46.21 16.50
N ARG A 290 -3.45 -45.99 15.31
CA ARG A 290 -4.79 -46.43 15.01
C ARG A 290 -4.72 -47.86 14.49
N PRO A 291 -5.67 -48.71 14.91
CA PRO A 291 -5.62 -50.10 14.47
C PRO A 291 -5.89 -50.25 12.99
N GLU A 292 -5.46 -51.36 12.42
CA GLU A 292 -5.88 -51.74 11.08
C GLU A 292 -7.31 -52.29 11.15
N PHE A 293 -8.05 -52.11 10.07
CA PHE A 293 -9.44 -52.54 10.07
C PHE A 293 -9.59 -54.05 10.28
N SER A 294 -8.62 -54.82 9.79
CA SER A 294 -8.64 -56.27 9.97
C SER A 294 -8.80 -56.65 11.45
N GLU A 295 -8.21 -55.85 12.34
CA GLU A 295 -8.34 -56.07 13.78
C GLU A 295 -9.66 -55.53 14.31
N VAL A 296 -10.10 -54.39 13.79
CA VAL A 296 -11.39 -53.83 14.17
C VAL A 296 -12.44 -54.91 13.95
N VAL A 297 -12.37 -55.53 12.79
CA VAL A 297 -13.33 -56.56 12.44
C VAL A 297 -13.24 -57.67 13.48
N MET A 298 -12.05 -58.24 13.62
CA MET A 298 -11.82 -59.35 14.53
C MET A 298 -12.48 -59.08 15.89
N LYS A 299 -12.28 -57.88 16.42
CA LYS A 299 -12.77 -57.54 17.76
C LYS A 299 -14.27 -57.40 17.82
N LEU A 300 -14.84 -56.72 16.84
CA LEU A 300 -16.29 -56.52 16.81
C LEU A 300 -17.06 -57.83 16.59
N GLU A 301 -16.47 -58.75 15.83
CA GLU A 301 -17.07 -60.06 15.63
C GLU A 301 -17.04 -60.90 16.93
N GLU A 302 -15.95 -60.77 17.68
CA GLU A 302 -15.88 -61.29 19.05
C GLU A 302 -17.06 -60.82 19.89
N CYS A 303 -17.32 -59.52 19.87
CA CYS A 303 -18.45 -58.95 20.60
C CYS A 303 -19.78 -59.54 20.16
N LEU A 304 -19.91 -59.80 18.86
CA LEU A 304 -21.13 -60.41 18.37
C LEU A 304 -21.28 -61.82 18.91
N CYS A 305 -20.18 -62.56 19.06
CA CYS A 305 -20.22 -63.87 19.70
C CYS A 305 -20.62 -63.79 21.17
N ASN A 306 -20.28 -62.70 21.83
CA ASN A 306 -20.62 -62.51 23.25
C ASN A 306 -21.91 -61.69 23.49
N ILE A 307 -22.49 -61.14 22.41
CA ILE A 307 -23.64 -60.22 22.50
C ILE A 307 -24.88 -60.92 23.06
N ILE B 26 15.60 38.03 17.54
CA ILE B 26 15.00 38.80 18.67
C ILE B 26 16.03 39.66 19.43
N LEU B 27 17.28 39.20 19.51
CA LEU B 27 18.40 40.02 20.03
C LEU B 27 18.76 41.07 18.98
N LEU B 28 18.85 40.65 17.72
CA LEU B 28 19.05 41.56 16.58
C LEU B 28 17.95 42.63 16.53
N LEU B 29 16.70 42.23 16.76
CA LEU B 29 15.55 43.16 16.77
C LEU B 29 15.54 44.09 17.99
N ARG B 30 15.68 43.54 19.20
CA ARG B 30 15.76 44.34 20.43
C ARG B 30 16.80 45.47 20.30
N ALA B 31 17.86 45.21 19.54
CA ALA B 31 18.94 46.20 19.30
C ALA B 31 18.59 47.27 18.26
N GLY B 32 17.90 46.88 17.20
CA GLY B 32 17.58 47.77 16.07
C GLY B 32 16.35 48.64 16.26
N LEU B 33 15.31 48.06 16.86
CA LEU B 33 14.09 48.80 17.20
C LEU B 33 14.39 49.85 18.26
N PRO B 34 14.11 51.13 17.96
CA PRO B 34 14.29 52.20 18.94
C PRO B 34 13.65 51.85 20.26
N SER B 35 14.31 52.20 21.35
CA SER B 35 13.85 51.77 22.66
C SER B 35 12.47 52.34 23.03
N HIS B 36 12.16 53.55 22.58
CA HIS B 36 10.86 54.12 22.94
C HIS B 36 9.66 53.25 22.51
N PHE B 37 9.86 52.39 21.50
CA PHE B 37 8.84 51.41 21.09
C PHE B 37 8.77 50.18 21.99
N HIS B 38 9.81 49.92 22.76
CA HIS B 38 9.83 48.74 23.64
C HIS B 38 8.79 48.88 24.73
N LEU B 39 7.86 47.93 24.78
CA LEU B 39 6.80 47.93 25.78
C LEU B 39 6.93 46.72 26.67
N GLN B 40 6.47 46.87 27.90
CA GLN B 40 6.34 45.74 28.83
C GLN B 40 4.88 45.38 28.87
N LEU B 41 4.61 44.08 28.91
CA LEU B 41 3.23 43.60 28.93
C LEU B 41 2.44 44.25 30.06
N SER B 42 3.08 44.49 31.19
CA SER B 42 2.43 45.17 32.31
C SER B 42 2.00 46.60 32.03
N GLU B 43 2.56 47.23 31.00
CA GLU B 43 2.15 48.58 30.57
C GLU B 43 0.87 48.57 29.75
N ILE B 44 0.44 47.38 29.33
CA ILE B 44 -0.72 47.22 28.48
C ILE B 44 -1.91 46.65 29.22
N GLU B 45 -3.05 47.28 28.98
CA GLU B 45 -4.34 46.93 29.57
C GLU B 45 -5.19 46.35 28.43
N PHE B 46 -5.65 45.13 28.58
CA PHE B 46 -6.43 44.48 27.53
C PHE B 46 -7.90 44.53 27.88
N HIS B 47 -8.70 45.22 27.09
CA HIS B 47 -10.13 45.22 27.34
C HIS B 47 -10.82 44.07 26.58
N GLU B 48 -11.33 44.34 25.39
CA GLU B 48 -12.12 43.36 24.68
C GLU B 48 -11.32 42.73 23.57
N ILE B 49 -11.84 41.62 23.05
CA ILE B 49 -11.35 41.06 21.80
C ILE B 49 -12.21 41.68 20.72
N ILE B 50 -11.57 42.30 19.74
CA ILE B 50 -12.26 42.93 18.59
C ILE B 50 -12.04 42.20 17.26
N GLY B 51 -11.12 41.23 17.26
CA GLY B 51 -10.81 40.46 16.06
C GLY B 51 -9.99 39.23 16.36
N SER B 52 -9.97 38.29 15.42
CA SER B 52 -9.43 36.96 15.69
C SER B 52 -8.69 36.33 14.51
N GLY B 53 -8.15 35.13 14.75
CA GLY B 53 -7.45 34.33 13.74
C GLY B 53 -6.57 33.28 14.41
N SER B 54 -5.94 32.40 13.62
CA SER B 54 -5.07 31.35 14.20
C SER B 54 -3.70 31.90 14.62
N PHE B 55 -3.19 32.90 13.88
CA PHE B 55 -2.01 33.68 14.26
C PHE B 55 -2.07 34.25 15.70
N GLY B 56 -3.27 34.63 16.12
CA GLY B 56 -3.50 35.21 17.43
C GLY B 56 -4.73 36.09 17.40
N LYS B 57 -4.94 36.83 18.49
CA LYS B 57 -6.15 37.64 18.65
C LYS B 57 -5.80 39.11 18.75
N VAL B 58 -6.81 39.95 18.54
CA VAL B 58 -6.63 41.40 18.51
C VAL B 58 -7.58 42.01 19.51
N TYR B 59 -7.00 42.67 20.51
CA TYR B 59 -7.76 43.28 21.62
C TYR B 59 -7.82 44.79 21.50
N LYS B 60 -8.94 45.37 21.91
CA LYS B 60 -8.97 46.80 22.23
C LYS B 60 -8.32 46.88 23.61
N GLY B 61 -7.79 48.06 23.95
CA GLY B 61 -7.13 48.25 25.23
C GLY B 61 -6.66 49.66 25.48
N ARG B 62 -5.70 49.78 26.41
CA ARG B 62 -5.12 51.07 26.80
C ARG B 62 -3.61 50.93 27.02
N CYS B 63 -2.84 51.93 26.61
CA CYS B 63 -1.38 51.91 26.77
C CYS B 63 -0.82 53.33 26.77
N ARG B 64 0.00 53.64 27.77
CA ARG B 64 0.55 54.98 27.90
C ARG B 64 -0.50 56.04 27.63
N ASN B 65 -1.59 55.92 28.38
CA ASN B 65 -2.70 56.84 28.30
C ASN B 65 -3.26 57.07 26.90
N LYS B 66 -3.18 56.04 26.06
CA LYS B 66 -3.75 56.10 24.73
C LYS B 66 -4.72 54.94 24.58
N ILE B 67 -5.79 55.16 23.83
CA ILE B 67 -6.69 54.05 23.47
C ILE B 67 -6.04 53.31 22.31
N VAL B 68 -5.76 52.02 22.47
CA VAL B 68 -4.97 51.30 21.48
C VAL B 68 -5.54 49.92 21.10
N ALA B 69 -5.11 49.43 19.94
CA ALA B 69 -5.43 48.08 19.51
C ALA B 69 -4.17 47.23 19.63
N ILE B 70 -4.32 46.04 20.20
CA ILE B 70 -3.19 45.14 20.47
C ILE B 70 -3.35 43.82 19.76
N LYS B 71 -2.37 43.47 18.95
CA LYS B 71 -2.31 42.14 18.36
C LYS B 71 -1.38 41.29 19.21
N ARG B 72 -1.91 40.18 19.72
CA ARG B 72 -1.14 39.26 20.55
C ARG B 72 -0.99 37.90 19.86
N TYR B 73 0.25 37.42 19.79
CA TYR B 73 0.54 36.09 19.21
C TYR B 73 0.12 34.94 20.16
N ARG B 74 -0.35 33.83 19.59
CA ARG B 74 -0.96 32.73 20.37
C ARG B 74 -0.13 32.22 21.55
N LYS B 81 10.77 29.28 16.36
CA LYS B 81 11.42 28.85 15.13
C LYS B 81 10.97 29.71 13.94
N SER B 82 9.68 29.67 13.66
CA SER B 82 9.06 30.38 12.52
C SER B 82 8.09 31.45 12.99
N ASP B 83 7.41 31.23 14.12
CA ASP B 83 6.54 32.26 14.74
C ASP B 83 7.34 33.50 15.11
N VAL B 84 8.55 33.28 15.63
CA VAL B 84 9.45 34.36 16.00
C VAL B 84 9.77 35.21 14.79
N ASP B 85 10.19 34.55 13.71
CA ASP B 85 10.59 35.25 12.49
C ASP B 85 9.43 36.02 11.86
N MET B 86 8.20 35.53 12.03
CA MET B 86 6.99 36.23 11.57
C MET B 86 6.79 37.52 12.36
N PHE B 87 6.91 37.43 13.68
CA PHE B 87 6.73 38.59 14.59
C PHE B 87 7.85 39.62 14.44
N CYS B 88 9.08 39.15 14.28
CA CYS B 88 10.22 40.07 14.12
C CYS B 88 10.12 40.84 12.81
N ARG B 89 9.70 40.19 11.75
CA ARG B 89 9.45 40.87 10.48
C ARG B 89 8.38 41.95 10.64
N GLU B 90 7.25 41.57 11.22
CA GLU B 90 6.09 42.47 11.29
C GLU B 90 6.43 43.74 12.06
N VAL B 91 7.25 43.61 13.10
CA VAL B 91 7.65 44.75 13.90
C VAL B 91 8.60 45.61 13.10
N SER B 92 9.56 44.96 12.44
CA SER B 92 10.52 45.64 11.55
C SER B 92 9.84 46.49 10.49
N ILE B 93 8.72 46.00 10.00
CA ILE B 93 7.95 46.74 9.01
C ILE B 93 7.18 47.88 9.67
N LEU B 94 6.47 47.60 10.76
CA LEU B 94 5.60 48.61 11.39
C LEU B 94 6.37 49.82 11.87
N CYS B 95 7.53 49.60 12.49
CA CYS B 95 8.31 50.72 13.04
C CYS B 95 8.88 51.67 11.98
N GLN B 96 8.79 51.30 10.71
CA GLN B 96 9.17 52.18 9.60
C GLN B 96 8.07 53.13 9.20
N LEU B 97 6.85 52.90 9.66
CA LEU B 97 5.68 53.53 9.04
C LEU B 97 5.17 54.78 9.73
N ASN B 98 5.17 55.88 8.97
CA ASN B 98 4.60 57.13 9.40
C ASN B 98 3.89 57.76 8.25
N HIS B 99 2.57 57.66 8.27
CA HIS B 99 1.76 58.26 7.23
C HIS B 99 0.32 58.22 7.70
N PRO B 100 -0.43 59.32 7.48
CA PRO B 100 -1.77 59.44 8.03
C PRO B 100 -2.81 58.49 7.42
N CYS B 101 -2.48 57.89 6.28
CA CYS B 101 -3.31 56.80 5.71
C CYS B 101 -2.83 55.40 6.06
N VAL B 102 -1.88 55.30 6.97
CA VAL B 102 -1.40 54.00 7.42
C VAL B 102 -1.47 53.96 8.94
N ILE B 103 -1.90 52.83 9.49
CA ILE B 103 -2.04 52.65 10.93
C ILE B 103 -0.78 53.11 11.69
N GLN B 104 -1.01 53.77 12.83
CA GLN B 104 0.08 54.35 13.61
C GLN B 104 0.63 53.35 14.62
N PHE B 105 1.88 52.94 14.41
CA PHE B 105 2.55 52.01 15.29
C PHE B 105 2.83 52.70 16.61
N VAL B 106 2.65 51.97 17.72
CA VAL B 106 2.90 52.52 19.06
C VAL B 106 4.06 51.81 19.75
N GLY B 107 4.12 50.49 19.61
CA GLY B 107 5.21 49.74 20.20
C GLY B 107 4.93 48.25 20.11
N ALA B 108 5.88 47.46 20.57
CA ALA B 108 5.71 46.02 20.70
C ALA B 108 6.35 45.50 21.99
N CYS B 109 5.91 44.34 22.46
CA CYS B 109 6.54 43.67 23.59
C CYS B 109 7.48 42.57 23.08
N LEU B 110 8.76 42.68 23.42
CA LEU B 110 9.79 41.76 22.93
C LEU B 110 10.46 40.89 24.00
N ASN B 111 9.91 40.85 25.21
CA ASN B 111 10.53 40.08 26.30
C ASN B 111 10.89 38.65 25.89
N ASP B 112 9.86 37.84 25.66
CA ASP B 112 10.04 36.48 25.15
C ASP B 112 8.80 36.10 24.33
N PRO B 113 8.90 35.00 23.56
CA PRO B 113 7.77 34.56 22.73
C PRO B 113 6.38 34.55 23.40
N SER B 114 6.30 34.11 24.66
CA SER B 114 5.03 34.06 25.39
C SER B 114 4.39 35.45 25.52
N GLN B 115 5.24 36.45 25.68
CA GLN B 115 4.80 37.83 25.88
C GLN B 115 4.39 38.51 24.58
N PHE B 116 5.04 38.14 23.47
CA PHE B 116 4.91 38.85 22.18
C PHE B 116 3.59 39.53 21.87
N ALA B 117 3.66 40.84 21.63
CA ALA B 117 2.48 41.65 21.30
C ALA B 117 2.81 42.89 20.49
N ILE B 118 1.83 43.35 19.72
CA ILE B 118 1.98 44.51 18.85
C ILE B 118 0.86 45.49 19.10
N VAL B 119 1.23 46.76 19.26
CA VAL B 119 0.32 47.82 19.64
C VAL B 119 0.29 48.92 18.58
N THR B 120 -0.90 49.33 18.20
CA THR B 120 -1.08 50.44 17.27
C THR B 120 -2.17 51.32 17.80
N GLN B 121 -2.43 52.41 17.10
CA GLN B 121 -3.57 53.24 17.42
C GLN B 121 -4.84 52.44 17.27
N TYR B 122 -5.90 52.93 17.90
CA TYR B 122 -7.25 52.41 17.75
C TYR B 122 -8.07 53.41 16.96
N ILE B 123 -8.96 52.90 16.10
CA ILE B 123 -9.81 53.76 15.29
C ILE B 123 -11.26 53.36 15.53
N SER B 124 -12.05 54.33 15.98
CA SER B 124 -13.40 54.06 16.50
C SER B 124 -14.39 53.63 15.42
N GLY B 125 -14.28 54.22 14.23
CA GLY B 125 -15.28 53.98 13.17
C GLY B 125 -15.32 52.58 12.57
N GLY B 126 -14.42 51.70 13.02
CA GLY B 126 -14.50 50.28 12.68
C GLY B 126 -14.09 49.96 11.25
N SER B 127 -14.23 48.70 10.87
CA SER B 127 -13.77 48.26 9.54
C SER B 127 -14.73 48.73 8.44
N LEU B 128 -14.16 48.87 7.26
CA LEU B 128 -14.91 49.20 6.06
C LEU B 128 -15.85 48.06 5.71
N PHE B 129 -15.39 46.82 5.89
CA PHE B 129 -16.22 45.64 5.72
C PHE B 129 -17.53 45.78 6.48
N SER B 130 -17.42 46.04 7.78
CA SER B 130 -18.59 46.22 8.65
C SER B 130 -19.51 47.29 8.08
N LEU B 131 -18.97 48.47 7.84
CA LEU B 131 -19.74 49.60 7.34
C LEU B 131 -20.60 49.17 6.15
N LEU B 132 -19.98 48.53 5.18
CA LEU B 132 -20.65 48.20 3.92
C LEU B 132 -21.58 47.02 4.01
N HIS B 133 -21.17 46.02 4.78
CA HIS B 133 -21.82 44.70 4.74
C HIS B 133 -22.61 44.27 5.95
N GLU B 134 -22.33 44.88 7.11
CA GLU B 134 -23.01 44.56 8.36
C GLU B 134 -23.97 45.70 8.75
N GLN B 135 -23.41 46.89 8.95
CA GLN B 135 -24.22 48.08 9.21
C GLN B 135 -24.93 48.54 7.92
N LYS B 136 -24.45 48.06 6.77
CA LYS B 136 -25.05 48.37 5.47
C LYS B 136 -25.40 49.85 5.29
N ARG B 137 -24.54 50.72 5.83
CA ARG B 137 -24.72 52.17 5.73
C ARG B 137 -24.54 52.58 4.27
N ILE B 138 -25.40 53.46 3.79
CA ILE B 138 -25.40 53.83 2.37
C ILE B 138 -24.63 55.13 2.19
N LEU B 139 -23.46 55.03 1.55
CA LEU B 139 -22.59 56.17 1.35
C LEU B 139 -22.80 56.79 -0.02
N ASP B 140 -22.63 58.11 -0.10
CA ASP B 140 -22.64 58.81 -1.39
C ASP B 140 -21.27 58.79 -2.04
N LEU B 141 -21.23 59.17 -3.32
CA LEU B 141 -20.04 59.00 -4.15
C LEU B 141 -18.83 59.70 -3.57
N GLN B 142 -19.03 60.93 -3.13
CA GLN B 142 -17.94 61.69 -2.53
C GLN B 142 -17.30 60.92 -1.37
N SER B 143 -18.14 60.39 -0.49
CA SER B 143 -17.67 59.66 0.68
C SER B 143 -16.86 58.43 0.30
N LYS B 144 -17.38 57.69 -0.65
CA LYS B 144 -16.72 56.51 -1.15
C LYS B 144 -15.34 56.86 -1.70
N LEU B 145 -15.26 57.90 -2.51
CA LEU B 145 -13.99 58.25 -3.13
C LEU B 145 -12.99 58.66 -2.07
N ILE B 146 -13.42 59.45 -1.10
CA ILE B 146 -12.53 59.87 -0.04
C ILE B 146 -11.83 58.66 0.53
N ILE B 147 -12.58 57.61 0.80
CA ILE B 147 -12.00 56.38 1.31
C ILE B 147 -11.02 55.81 0.29
N ALA B 148 -11.50 55.64 -0.94
CA ALA B 148 -10.69 55.05 -2.01
C ALA B 148 -9.38 55.80 -2.19
N VAL B 149 -9.47 57.12 -2.14
CA VAL B 149 -8.30 57.95 -2.27
C VAL B 149 -7.36 57.74 -1.09
N ASP B 150 -7.90 57.80 0.14
CA ASP B 150 -7.07 57.63 1.34
C ASP B 150 -6.34 56.30 1.31
N VAL B 151 -7.03 55.23 0.93
CA VAL B 151 -6.38 53.93 0.88
C VAL B 151 -5.28 53.92 -0.18
N ALA B 152 -5.57 54.52 -1.33
CA ALA B 152 -4.59 54.56 -2.41
C ALA B 152 -3.35 55.35 -1.99
N LYS B 153 -3.55 56.41 -1.23
CA LYS B 153 -2.44 57.22 -0.70
C LYS B 153 -1.54 56.42 0.23
N GLY B 154 -2.15 55.65 1.13
CA GLY B 154 -1.41 54.76 2.00
C GLY B 154 -0.57 53.77 1.20
N MET B 155 -1.19 53.15 0.21
CA MET B 155 -0.49 52.14 -0.58
C MET B 155 0.67 52.76 -1.40
N GLU B 156 0.41 53.94 -1.97
CA GLU B 156 1.45 54.74 -2.61
C GLU B 156 2.61 54.90 -1.64
N TYR B 157 2.30 55.40 -0.45
CA TYR B 157 3.31 55.57 0.59
C TYR B 157 4.17 54.31 0.77
N LEU B 158 3.51 53.18 1.01
CA LEU B 158 4.21 51.91 1.24
C LEU B 158 5.10 51.52 0.05
N HIS B 159 4.52 51.59 -1.15
CA HIS B 159 5.20 51.15 -2.37
C HIS B 159 6.39 52.04 -2.77
N ASN B 160 6.38 53.29 -2.32
CA ASN B 160 7.43 54.23 -2.67
C ASN B 160 8.43 54.55 -1.56
N LEU B 161 8.45 53.73 -0.52
CA LEU B 161 9.51 53.83 0.46
C LEU B 161 10.85 53.44 -0.17
N THR B 162 11.96 53.87 0.44
CA THR B 162 13.29 53.48 -0.05
C THR B 162 13.31 51.97 -0.30
N GLN B 163 12.90 51.22 0.71
CA GLN B 163 12.70 49.79 0.58
C GLN B 163 11.21 49.50 0.60
N PRO B 164 10.59 49.39 -0.59
CA PRO B 164 9.15 49.19 -0.71
C PRO B 164 8.60 48.04 0.11
N ILE B 165 7.40 48.25 0.63
CA ILE B 165 6.69 47.26 1.41
C ILE B 165 5.49 46.79 0.59
N ILE B 166 5.26 45.48 0.63
CA ILE B 166 4.05 44.88 0.10
C ILE B 166 3.16 44.50 1.27
N HIS B 167 1.92 44.96 1.22
CA HIS B 167 0.98 44.70 2.30
C HIS B 167 0.58 43.25 2.27
N ARG B 168 0.22 42.79 1.08
CA ARG B 168 -0.08 41.37 0.76
C ARG B 168 -1.35 40.82 1.40
N ASP B 169 -2.20 41.69 1.95
CA ASP B 169 -3.42 41.25 2.64
C ASP B 169 -4.44 42.38 2.74
N LEU B 170 -4.47 43.23 1.72
CA LEU B 170 -5.36 44.36 1.66
C LEU B 170 -6.79 43.90 1.36
N ASN B 171 -7.73 44.31 2.20
CA ASN B 171 -9.13 43.98 2.05
C ASN B 171 -9.96 44.93 2.91
N SER B 172 -11.28 44.78 2.84
CA SER B 172 -12.19 45.69 3.54
C SER B 172 -12.17 45.54 5.07
N HIS B 173 -11.65 44.42 5.56
CA HIS B 173 -11.43 44.24 7.01
C HIS B 173 -10.28 45.09 7.50
N ASN B 174 -9.26 45.20 6.65
CA ASN B 174 -8.05 45.92 6.97
C ASN B 174 -8.06 47.36 6.49
N ILE B 175 -9.24 47.88 6.17
CA ILE B 175 -9.43 49.31 5.97
C ILE B 175 -10.30 49.83 7.12
N LEU B 176 -9.70 50.65 7.98
CA LEU B 176 -10.38 51.16 9.16
C LEU B 176 -10.75 52.61 8.97
N LEU B 177 -11.82 53.02 9.64
CA LEU B 177 -12.46 54.29 9.35
C LEU B 177 -12.52 55.23 10.54
N TYR B 178 -12.00 56.44 10.38
CA TYR B 178 -12.26 57.50 11.34
C TYR B 178 -13.74 57.88 11.32
N GLU B 179 -14.21 58.43 12.43
CA GLU B 179 -15.57 58.96 12.52
C GLU B 179 -15.86 59.96 11.39
N ASP B 180 -14.85 60.71 10.95
CA ASP B 180 -15.07 61.69 9.88
C ASP B 180 -14.98 61.14 8.46
N GLY B 181 -14.84 59.82 8.32
CA GLY B 181 -14.93 59.18 7.02
C GLY B 181 -13.63 59.03 6.24
N HIS B 182 -12.54 59.53 6.80
CA HIS B 182 -11.22 59.19 6.27
C HIS B 182 -10.84 57.78 6.68
N ALA B 183 -9.80 57.23 6.05
CA ALA B 183 -9.48 55.81 6.19
C ALA B 183 -8.01 55.52 6.30
N VAL B 184 -7.69 54.40 6.96
CA VAL B 184 -6.30 53.95 7.07
C VAL B 184 -6.14 52.44 6.86
N VAL B 185 -4.99 52.07 6.33
CA VAL B 185 -4.64 50.68 6.05
C VAL B 185 -4.00 50.06 7.28
N ALA B 186 -4.45 48.88 7.66
CA ALA B 186 -4.05 48.26 8.90
C ALA B 186 -3.57 46.82 8.70
N ASP B 187 -3.06 46.23 9.77
CA ASP B 187 -2.61 44.84 9.79
C ASP B 187 -1.53 44.44 8.79
N PHE B 188 -0.29 44.50 9.26
CA PHE B 188 0.88 44.21 8.44
C PHE B 188 1.43 42.79 8.68
N GLY B 189 0.57 41.93 9.20
CA GLY B 189 0.94 40.57 9.57
C GLY B 189 1.29 39.65 8.41
N GLU B 190 1.02 40.08 7.19
CA GLU B 190 1.41 39.30 6.02
C GLU B 190 2.38 40.07 5.16
N SER B 191 2.79 41.25 5.62
CA SER B 191 3.53 42.15 4.78
C SER B 191 4.98 41.73 4.63
N ARG B 192 5.53 42.04 3.46
CA ARG B 192 6.89 41.65 3.12
C ARG B 192 7.56 42.84 2.46
N PHE B 193 8.86 43.03 2.77
CA PHE B 193 9.69 43.97 2.04
C PHE B 193 9.91 43.46 0.62
N LEU B 194 9.83 44.33 -0.38
CA LEU B 194 10.16 43.98 -1.75
C LEU B 194 11.67 43.70 -1.90
N GLN B 195 12.04 42.57 -2.51
CA GLN B 195 13.47 42.17 -2.62
C GLN B 195 14.23 42.94 -3.69
N ASN B 208 12.68 24.98 -18.05
CA ASN B 208 12.26 25.85 -19.13
C ASN B 208 10.79 26.21 -18.99
N LEU B 209 10.51 27.46 -19.23
CA LEU B 209 9.20 28.04 -18.99
C LEU B 209 8.26 27.84 -20.17
N ARG B 210 8.81 27.54 -21.36
CA ARG B 210 8.00 27.42 -22.57
C ARG B 210 6.94 26.35 -22.43
N TRP B 211 7.22 25.36 -21.57
CA TRP B 211 6.38 24.19 -21.39
C TRP B 211 5.70 24.13 -20.01
N MET B 212 5.75 25.22 -19.26
CA MET B 212 5.12 25.25 -17.93
C MET B 212 3.65 25.60 -17.94
N ALA B 213 2.88 24.89 -17.11
CA ALA B 213 1.49 25.22 -16.83
C ALA B 213 1.43 26.60 -16.20
N PRO B 214 0.41 27.42 -16.53
CA PRO B 214 0.39 28.80 -16.06
C PRO B 214 0.51 28.90 -14.55
N GLU B 215 -0.12 27.99 -13.82
CA GLU B 215 -0.02 28.01 -12.34
C GLU B 215 1.36 27.66 -11.80
N VAL B 216 2.15 26.89 -12.56
CA VAL B 216 3.53 26.63 -12.19
C VAL B 216 4.38 27.85 -12.51
N PHE B 217 4.18 28.44 -13.69
CA PHE B 217 4.87 29.68 -14.09
C PHE B 217 4.66 30.81 -13.10
N THR B 218 3.47 30.83 -12.50
CA THR B 218 3.07 31.85 -11.54
C THR B 218 3.70 31.63 -10.16
N GLN B 219 3.94 30.37 -9.80
CA GLN B 219 4.67 30.05 -8.57
C GLN B 219 6.14 30.49 -8.60
N CYS B 220 6.78 30.33 -9.75
CA CYS B 220 8.20 30.64 -9.90
C CYS B 220 8.49 32.13 -10.03
N THR B 221 7.48 32.90 -10.43
CA THR B 221 7.62 34.34 -10.51
C THR B 221 7.36 34.88 -9.11
N ARG B 222 8.33 35.60 -8.55
CA ARG B 222 8.15 36.23 -7.26
C ARG B 222 7.15 37.35 -7.45
N TYR B 223 6.19 37.47 -6.53
CA TYR B 223 5.17 38.53 -6.62
C TYR B 223 5.78 39.88 -6.29
N THR B 224 5.15 40.92 -6.83
CA THR B 224 5.62 42.29 -6.69
C THR B 224 4.59 43.11 -5.92
N ILE B 225 4.90 44.39 -5.74
CA ILE B 225 3.92 45.35 -5.22
C ILE B 225 2.61 45.38 -6.01
N LYS B 226 2.63 44.87 -7.23
CA LYS B 226 1.44 44.86 -8.09
C LYS B 226 0.30 43.99 -7.55
N ALA B 227 0.65 42.99 -6.74
CA ALA B 227 -0.36 42.18 -6.09
C ALA B 227 -1.28 43.08 -5.28
N ASP B 228 -0.71 44.09 -4.63
CA ASP B 228 -1.54 44.99 -3.82
C ASP B 228 -2.56 45.74 -4.68
N VAL B 229 -2.16 46.09 -5.88
CA VAL B 229 -3.04 46.85 -6.77
C VAL B 229 -4.27 46.01 -7.15
N PHE B 230 -4.05 44.71 -7.37
CA PHE B 230 -5.16 43.82 -7.70
C PHE B 230 -6.15 43.75 -6.52
N SER B 231 -5.63 43.52 -5.32
CA SER B 231 -6.48 43.50 -4.14
C SER B 231 -7.25 44.81 -4.06
N TYR B 232 -6.54 45.91 -4.27
CA TYR B 232 -7.16 47.25 -4.19
C TYR B 232 -8.31 47.43 -5.16
N ALA B 233 -8.10 46.97 -6.38
CA ALA B 233 -9.14 47.05 -7.39
C ALA B 233 -10.45 46.48 -6.86
N LEU B 234 -10.36 45.27 -6.31
CA LEU B 234 -11.53 44.59 -5.73
C LEU B 234 -12.13 45.44 -4.64
N CYS B 235 -11.28 45.93 -3.73
CA CYS B 235 -11.77 46.81 -2.70
C CYS B 235 -12.58 47.94 -3.34
N LEU B 236 -11.99 48.62 -4.32
CA LEU B 236 -12.66 49.72 -4.99
C LEU B 236 -14.05 49.36 -5.57
N TRP B 237 -14.16 48.17 -6.12
CA TRP B 237 -15.44 47.73 -6.65
C TRP B 237 -16.36 47.46 -5.49
N GLU B 238 -15.83 46.78 -4.48
CA GLU B 238 -16.56 46.50 -3.25
C GLU B 238 -17.15 47.79 -2.67
N ILE B 239 -16.39 48.87 -2.71
CA ILE B 239 -16.87 50.14 -2.19
C ILE B 239 -18.02 50.68 -3.02
N LEU B 240 -17.81 50.74 -4.32
CA LEU B 240 -18.81 51.37 -5.20
C LEU B 240 -20.11 50.61 -5.23
N THR B 241 -20.03 49.29 -5.31
CA THR B 241 -21.21 48.46 -5.41
C THR B 241 -21.89 48.30 -4.06
N GLY B 242 -21.11 48.26 -3.00
CA GLY B 242 -21.60 47.89 -1.69
C GLY B 242 -21.51 46.40 -1.44
N GLU B 243 -21.06 45.66 -2.45
CA GLU B 243 -21.12 44.20 -2.46
C GLU B 243 -19.77 43.54 -2.19
N ILE B 244 -19.80 42.42 -1.46
CA ILE B 244 -18.64 41.55 -1.32
C ILE B 244 -18.33 40.96 -2.71
N PRO B 245 -17.07 40.98 -3.13
CA PRO B 245 -16.73 40.35 -4.41
C PRO B 245 -17.18 38.90 -4.47
N PHE B 246 -17.90 38.49 -5.53
CA PHE B 246 -18.37 37.11 -5.65
C PHE B 246 -19.13 36.68 -4.39
N ALA B 247 -19.98 37.58 -3.87
CA ALA B 247 -20.63 37.39 -2.56
C ALA B 247 -21.15 35.97 -2.36
N HIS B 248 -21.66 35.40 -3.44
CA HIS B 248 -22.25 34.08 -3.44
C HIS B 248 -21.26 32.92 -3.43
N LEU B 249 -19.95 33.19 -3.35
CA LEU B 249 -18.94 32.13 -3.36
C LEU B 249 -18.12 32.14 -2.10
N LYS B 250 -17.69 30.95 -1.69
CA LYS B 250 -16.73 30.86 -0.62
C LYS B 250 -15.39 31.34 -1.15
N PRO B 251 -14.55 31.87 -0.26
CA PRO B 251 -13.31 32.53 -0.68
C PRO B 251 -12.51 31.74 -1.72
N ALA B 252 -12.22 30.48 -1.44
CA ALA B 252 -11.38 29.63 -2.29
C ALA B 252 -11.95 29.50 -3.71
N ALA B 253 -13.26 29.41 -3.79
CA ALA B 253 -13.94 29.33 -5.07
C ALA B 253 -13.77 30.64 -5.86
N ALA B 254 -13.92 31.75 -5.15
CA ALA B 254 -13.79 33.07 -5.76
C ALA B 254 -12.40 33.25 -6.32
N ALA B 255 -11.40 32.93 -5.50
CA ALA B 255 -10.01 32.96 -5.92
C ALA B 255 -9.82 32.12 -7.16
N ALA B 256 -10.37 30.91 -7.12
CA ALA B 256 -10.26 29.98 -8.23
C ALA B 256 -10.75 30.59 -9.54
N ASP B 257 -11.90 31.22 -9.50
CA ASP B 257 -12.54 31.78 -10.70
C ASP B 257 -11.75 32.95 -11.25
N MET B 258 -11.27 33.80 -10.37
CA MET B 258 -10.42 34.89 -10.78
C MET B 258 -9.11 34.36 -11.34
N ALA B 259 -8.53 33.39 -10.65
CA ALA B 259 -7.22 32.85 -11.04
C ALA B 259 -7.30 32.05 -12.33
N TYR B 260 -8.14 31.02 -12.33
CA TYR B 260 -8.18 30.04 -13.41
C TYR B 260 -9.15 30.40 -14.55
N HIS B 261 -10.40 30.67 -14.20
CA HIS B 261 -11.39 31.02 -15.23
C HIS B 261 -11.33 32.50 -15.68
N HIS B 262 -10.43 33.28 -15.07
CA HIS B 262 -10.19 34.69 -15.43
C HIS B 262 -11.41 35.60 -15.25
N ILE B 263 -12.26 35.24 -14.30
CA ILE B 263 -13.48 35.98 -14.09
C ILE B 263 -13.20 37.13 -13.15
N ARG B 264 -13.95 38.20 -13.35
CA ARG B 264 -13.89 39.34 -12.46
C ARG B 264 -15.30 39.79 -12.17
N PRO B 265 -15.49 40.52 -11.07
CA PRO B 265 -16.83 41.01 -10.82
C PRO B 265 -17.38 41.80 -11.98
N PRO B 266 -18.73 41.81 -12.10
CA PRO B 266 -19.43 42.52 -13.14
C PRO B 266 -19.17 44.01 -13.04
N ILE B 267 -18.93 44.62 -14.17
CA ILE B 267 -18.77 46.06 -14.23
C ILE B 267 -20.01 46.65 -14.93
N GLY B 268 -20.89 47.24 -14.14
CA GLY B 268 -22.08 47.88 -14.67
C GLY B 268 -21.76 49.04 -15.60
N TYR B 269 -22.72 49.39 -16.45
CA TYR B 269 -22.62 50.56 -17.33
C TYR B 269 -22.64 51.90 -16.55
N SER B 270 -23.31 51.91 -15.39
CA SER B 270 -23.51 53.13 -14.60
C SER B 270 -22.26 53.58 -13.83
N ILE B 271 -21.28 52.70 -13.68
CA ILE B 271 -20.00 53.05 -13.03
C ILE B 271 -19.26 54.08 -13.88
N PRO B 272 -18.77 55.16 -13.26
CA PRO B 272 -18.04 56.19 -14.03
C PRO B 272 -16.83 55.65 -14.77
N LYS B 273 -16.59 56.21 -15.94
CA LYS B 273 -15.51 55.73 -16.84
C LYS B 273 -14.12 55.66 -16.19
N PRO B 274 -13.62 56.78 -15.64
CA PRO B 274 -12.27 56.76 -15.09
C PRO B 274 -12.04 55.65 -14.06
N ILE B 275 -13.07 55.32 -13.29
CA ILE B 275 -13.01 54.25 -12.32
C ILE B 275 -13.00 52.87 -12.98
N SER B 276 -13.94 52.63 -13.88
CA SER B 276 -14.01 51.34 -14.57
C SER B 276 -12.69 51.05 -15.27
N SER B 277 -12.09 52.09 -15.83
CA SER B 277 -10.75 51.96 -16.39
C SER B 277 -9.82 51.44 -15.31
N LEU B 278 -9.69 52.18 -14.21
CA LEU B 278 -8.84 51.74 -13.10
C LEU B 278 -9.11 50.29 -12.71
N LEU B 279 -10.38 49.92 -12.59
CA LEU B 279 -10.73 48.55 -12.26
C LEU B 279 -10.19 47.55 -13.30
N ILE B 280 -10.59 47.74 -14.54
CA ILE B 280 -10.15 46.89 -15.64
C ILE B 280 -8.63 46.69 -15.61
N ARG B 281 -7.88 47.78 -15.49
CA ARG B 281 -6.43 47.73 -15.46
C ARG B 281 -5.90 47.13 -14.17
N GLY B 282 -6.48 47.56 -13.06
CA GLY B 282 -6.04 47.16 -11.73
C GLY B 282 -6.14 45.69 -11.41
N TRP B 283 -7.11 45.00 -12.02
CA TRP B 283 -7.22 43.55 -11.81
C TRP B 283 -6.93 42.76 -13.08
N ASN B 284 -6.08 43.35 -13.91
CA ASN B 284 -5.53 42.63 -15.04
C ASN B 284 -4.69 41.48 -14.52
N ALA B 285 -4.87 40.30 -15.10
CA ALA B 285 -4.11 39.12 -14.70
C ALA B 285 -2.63 39.37 -14.84
N CYS B 286 -2.22 40.12 -15.87
CA CYS B 286 -0.81 40.48 -16.03
C CYS B 286 -0.45 41.56 -15.02
N PRO B 287 0.39 41.23 -14.03
CA PRO B 287 0.73 42.23 -13.02
C PRO B 287 1.29 43.54 -13.58
N GLU B 288 2.10 43.44 -14.61
CA GLU B 288 2.80 44.61 -15.15
C GLU B 288 1.81 45.62 -15.76
N GLY B 289 0.62 45.13 -16.13
CA GLY B 289 -0.45 45.96 -16.69
C GLY B 289 -1.30 46.72 -15.68
N ARG B 290 -1.00 46.54 -14.40
CA ARG B 290 -1.74 47.22 -13.34
C ARG B 290 -1.08 48.55 -13.08
N PRO B 291 -1.87 49.61 -12.88
CA PRO B 291 -1.28 50.93 -12.66
C PRO B 291 -0.51 51.03 -11.34
N GLU B 292 0.39 52.01 -11.28
CA GLU B 292 1.03 52.37 -10.03
C GLU B 292 0.04 53.18 -9.20
N PHE B 293 0.17 53.09 -7.89
CA PHE B 293 -0.79 53.76 -7.03
C PHE B 293 -0.72 55.26 -7.22
N SER B 294 0.47 55.78 -7.50
CA SER B 294 0.62 57.23 -7.75
C SER B 294 -0.37 57.74 -8.83
N GLU B 295 -0.68 56.91 -9.81
CA GLU B 295 -1.65 57.26 -10.84
C GLU B 295 -3.07 57.04 -10.34
N VAL B 296 -3.28 55.95 -9.59
CA VAL B 296 -4.61 55.68 -9.02
C VAL B 296 -5.04 56.90 -8.24
N VAL B 297 -4.12 57.44 -7.45
CA VAL B 297 -4.41 58.61 -6.64
C VAL B 297 -4.77 59.76 -7.56
N MET B 298 -3.86 60.09 -8.47
CA MET B 298 -4.04 61.21 -9.38
C MET B 298 -5.45 61.19 -9.97
N LYS B 299 -5.88 60.02 -10.44
CA LYS B 299 -7.18 59.87 -11.11
C LYS B 299 -8.33 60.07 -10.15
N LEU B 300 -8.28 59.40 -9.02
CA LEU B 300 -9.37 59.48 -8.07
C LEU B 300 -9.53 60.90 -7.54
N GLU B 301 -8.43 61.62 -7.37
CA GLU B 301 -8.51 63.00 -6.90
C GLU B 301 -9.16 63.90 -7.96
N GLU B 302 -8.86 63.64 -9.23
CA GLU B 302 -9.58 64.25 -10.35
C GLU B 302 -11.07 64.10 -10.17
N CYS B 303 -11.50 62.87 -9.91
CA CYS B 303 -12.93 62.57 -9.71
C CYS B 303 -13.51 63.36 -8.56
N LEU B 304 -12.72 63.56 -7.51
CA LEU B 304 -13.17 64.37 -6.39
C LEU B 304 -13.36 65.83 -6.80
N CYS B 305 -12.50 66.34 -7.69
CA CYS B 305 -12.69 67.68 -8.25
C CYS B 305 -13.94 67.78 -9.10
N ASN B 306 -14.33 66.68 -9.75
CA ASN B 306 -15.55 66.67 -10.58
C ASN B 306 -16.83 66.16 -9.87
N ILE B 307 -16.70 65.75 -8.60
CA ILE B 307 -17.85 65.26 -7.80
C ILE B 307 -18.70 66.43 -7.31
N LEU C 33 16.83 5.53 2.13
CA LEU C 33 17.11 4.94 0.78
C LEU C 33 17.61 3.51 0.89
N PRO C 34 16.81 2.52 0.46
CA PRO C 34 17.27 1.14 0.38
C PRO C 34 18.78 1.01 0.11
N SER C 35 19.48 0.30 0.99
CA SER C 35 20.95 0.28 0.97
C SER C 35 21.55 -0.28 -0.31
N HIS C 36 20.93 -1.31 -0.91
CA HIS C 36 21.44 -1.85 -2.18
C HIS C 36 21.61 -0.76 -3.25
N PHE C 37 20.79 0.29 -3.18
CA PHE C 37 20.92 1.45 -4.08
C PHE C 37 22.11 2.36 -3.78
N HIS C 38 22.72 2.22 -2.61
CA HIS C 38 23.89 3.02 -2.28
C HIS C 38 25.00 2.71 -3.26
N LEU C 39 25.72 3.76 -3.66
CA LEU C 39 26.81 3.68 -4.63
C LEU C 39 28.03 4.41 -4.12
N GLN C 40 29.20 3.85 -4.34
CA GLN C 40 30.46 4.55 -4.14
C GLN C 40 30.92 5.09 -5.46
N LEU C 41 31.70 6.16 -5.42
CA LEU C 41 32.17 6.85 -6.63
C LEU C 41 33.00 5.91 -7.51
N SER C 42 33.82 5.09 -6.86
CA SER C 42 34.59 4.04 -7.53
C SER C 42 33.76 3.04 -8.35
N GLU C 43 32.48 2.88 -8.02
CA GLU C 43 31.62 1.93 -8.77
C GLU C 43 31.14 2.52 -10.07
N ILE C 44 31.48 3.79 -10.30
CA ILE C 44 31.01 4.52 -11.47
C ILE C 44 32.18 4.84 -12.38
N GLU C 45 32.10 4.34 -13.62
CA GLU C 45 33.06 4.65 -14.67
C GLU C 45 32.50 5.77 -15.57
N PHE C 46 33.09 6.95 -15.46
CA PHE C 46 32.66 8.13 -16.23
C PHE C 46 33.18 8.09 -17.65
N HIS C 47 32.38 8.60 -18.58
CA HIS C 47 32.84 8.89 -19.93
C HIS C 47 32.49 10.36 -20.22
N GLU C 48 32.00 10.64 -21.43
CA GLU C 48 31.81 12.00 -21.93
C GLU C 48 30.65 12.69 -21.25
N ILE C 49 30.67 14.03 -21.27
CA ILE C 49 29.52 14.82 -20.82
C ILE C 49 28.45 14.70 -21.90
N ILE C 50 27.18 14.66 -21.49
CA ILE C 50 26.04 14.58 -22.42
C ILE C 50 24.96 15.65 -22.17
N GLY C 51 25.10 16.42 -21.10
CA GLY C 51 24.13 17.45 -20.74
C GLY C 51 24.69 18.37 -19.68
N SER C 52 24.13 19.57 -19.57
CA SER C 52 24.64 20.57 -18.64
C SER C 52 23.55 21.48 -18.07
N GLY C 53 23.99 22.49 -17.32
CA GLY C 53 23.11 23.45 -16.66
C GLY C 53 23.77 24.07 -15.44
N SER C 54 23.05 24.99 -14.81
CA SER C 54 23.50 25.62 -13.55
C SER C 54 23.35 24.67 -12.34
N PHE C 55 22.59 23.58 -12.53
CA PHE C 55 22.50 22.48 -11.59
C PHE C 55 23.79 21.66 -11.44
N GLY C 56 24.43 21.39 -12.56
CA GLY C 56 25.57 20.48 -12.63
C GLY C 56 25.65 19.90 -14.03
N LYS C 57 26.36 18.80 -14.19
CA LYS C 57 26.52 18.16 -15.51
C LYS C 57 25.94 16.75 -15.50
N VAL C 58 25.69 16.22 -16.68
CA VAL C 58 25.27 14.83 -16.85
C VAL C 58 26.23 14.11 -17.79
N TYR C 59 26.67 12.93 -17.37
CA TYR C 59 27.66 12.16 -18.10
C TYR C 59 27.07 10.87 -18.62
N LYS C 60 27.63 10.38 -19.72
CA LYS C 60 27.44 8.99 -20.10
C LYS C 60 28.53 8.24 -19.36
N GLY C 61 28.33 6.93 -19.17
CA GLY C 61 29.32 6.12 -18.49
C GLY C 61 28.97 4.65 -18.41
N ARG C 62 29.55 4.00 -17.41
CA ARG C 62 29.34 2.59 -17.12
C ARG C 62 29.19 2.42 -15.59
N CYS C 63 28.24 1.58 -15.18
CA CYS C 63 28.05 1.26 -13.75
C CYS C 63 27.34 -0.07 -13.54
N ARG C 64 27.81 -0.82 -12.56
CA ARG C 64 27.29 -2.15 -12.27
C ARG C 64 26.83 -2.89 -13.53
N ASN C 65 27.76 -2.94 -14.50
CA ASN C 65 27.62 -3.78 -15.69
C ASN C 65 26.54 -3.32 -16.65
N LYS C 66 26.29 -2.01 -16.67
CA LYS C 66 25.26 -1.44 -17.54
C LYS C 66 25.76 -0.09 -18.02
N ILE C 67 25.37 0.27 -19.25
CA ILE C 67 25.64 1.62 -19.76
C ILE C 67 24.64 2.57 -19.09
N VAL C 68 25.15 3.65 -18.53
CA VAL C 68 24.34 4.54 -17.69
C VAL C 68 24.50 6.01 -18.05
N ALA C 69 23.57 6.82 -17.55
CA ALA C 69 23.77 8.25 -17.45
C ALA C 69 23.95 8.62 -15.98
N ILE C 70 24.85 9.56 -15.73
CA ILE C 70 25.18 9.97 -14.34
C ILE C 70 24.96 11.49 -14.20
N LYS C 71 24.14 11.89 -13.24
CA LYS C 71 23.96 13.31 -12.90
C LYS C 71 24.81 13.64 -11.70
N ARG C 72 25.42 14.83 -11.68
CA ARG C 72 26.25 15.26 -10.56
C ARG C 72 25.98 16.74 -10.21
N TYR C 73 25.71 17.00 -8.94
CA TYR C 73 25.06 18.27 -8.52
C TYR C 73 26.01 19.49 -8.36
N SER C 82 19.78 23.20 2.40
CA SER C 82 18.82 23.56 1.34
C SER C 82 19.04 22.72 0.07
N ASP C 83 20.26 22.79 -0.46
CA ASP C 83 20.66 22.00 -1.63
C ASP C 83 20.67 20.47 -1.36
N VAL C 84 20.80 20.07 -0.09
CA VAL C 84 20.79 18.65 0.31
C VAL C 84 19.37 18.12 0.47
N ASP C 85 18.47 18.93 1.03
CA ASP C 85 17.05 18.58 1.09
C ASP C 85 16.56 18.10 -0.26
N MET C 86 16.87 18.87 -1.29
CA MET C 86 16.41 18.58 -2.65
C MET C 86 16.99 17.31 -3.25
N PHE C 87 18.19 16.93 -2.84
CA PHE C 87 18.80 15.69 -3.28
C PHE C 87 18.07 14.48 -2.71
N CYS C 88 17.76 14.49 -1.42
CA CYS C 88 17.02 13.38 -0.80
C CYS C 88 15.64 13.24 -1.39
N ARG C 89 15.02 14.38 -1.65
CA ARG C 89 13.75 14.42 -2.32
C ARG C 89 13.87 13.72 -3.67
N GLU C 90 14.85 14.12 -4.47
CA GLU C 90 15.01 13.55 -5.82
C GLU C 90 15.29 12.05 -5.75
N VAL C 91 16.11 11.66 -4.78
CA VAL C 91 16.50 10.26 -4.61
C VAL C 91 15.32 9.42 -4.08
N SER C 92 14.60 9.98 -3.12
CA SER C 92 13.47 9.27 -2.51
C SER C 92 12.37 9.04 -3.53
N ILE C 93 12.32 9.88 -4.56
CA ILE C 93 11.39 9.67 -5.66
C ILE C 93 11.90 8.59 -6.63
N LEU C 94 13.14 8.72 -7.05
CA LEU C 94 13.68 7.81 -8.05
C LEU C 94 13.63 6.33 -7.63
N CYS C 95 13.93 6.04 -6.38
CA CYS C 95 13.94 4.65 -5.92
C CYS C 95 12.58 3.98 -6.08
N GLN C 96 11.51 4.76 -5.88
CA GLN C 96 10.13 4.26 -6.03
C GLN C 96 9.72 3.90 -7.46
N LEU C 97 10.44 4.40 -8.46
CA LEU C 97 10.00 4.27 -9.83
C LEU C 97 10.31 2.89 -10.39
N ASN C 98 9.29 2.26 -11.00
CA ASN C 98 9.45 1.02 -11.75
C ASN C 98 8.37 0.85 -12.80
N HIS C 99 8.65 1.37 -14.00
CA HIS C 99 7.71 1.36 -15.10
C HIS C 99 8.45 1.52 -16.43
N PRO C 100 8.02 0.80 -17.49
CA PRO C 100 8.78 0.82 -18.77
C PRO C 100 8.91 2.19 -19.43
N CYS C 101 7.87 3.02 -19.25
CA CYS C 101 7.85 4.41 -19.74
C CYS C 101 8.40 5.46 -18.77
N VAL C 102 9.13 5.01 -17.76
CA VAL C 102 9.80 5.92 -16.84
C VAL C 102 11.24 5.45 -16.67
N ILE C 103 12.16 6.40 -16.48
CA ILE C 103 13.58 6.08 -16.38
C ILE C 103 13.83 5.06 -15.23
N GLN C 104 14.80 4.17 -15.45
CA GLN C 104 15.21 3.20 -14.45
C GLN C 104 16.29 3.76 -13.56
N PHE C 105 16.01 3.81 -12.27
CA PHE C 105 17.00 4.18 -11.26
C PHE C 105 18.00 3.04 -11.11
N VAL C 106 19.24 3.39 -10.83
CA VAL C 106 20.29 2.39 -10.63
C VAL C 106 20.89 2.52 -9.25
N GLY C 107 20.99 3.75 -8.76
CA GLY C 107 21.61 4.01 -7.47
C GLY C 107 22.05 5.44 -7.36
N ALA C 108 22.64 5.79 -6.21
CA ALA C 108 23.09 7.15 -5.96
C ALA C 108 24.16 7.19 -4.90
N CYS C 109 25.11 8.11 -5.06
CA CYS C 109 26.22 8.18 -4.12
C CYS C 109 25.87 9.17 -3.02
N LEU C 110 26.15 8.79 -1.77
CA LEU C 110 25.74 9.58 -0.60
C LEU C 110 26.85 9.93 0.39
N ASN C 111 28.10 9.69 0.01
CA ASN C 111 29.22 9.96 0.91
C ASN C 111 29.24 11.37 1.50
N ASP C 112 29.38 12.37 0.64
CA ASP C 112 29.33 13.77 1.06
C ASP C 112 28.74 14.65 -0.03
N PRO C 113 28.37 15.91 0.30
CA PRO C 113 27.83 16.85 -0.69
C PRO C 113 28.65 16.97 -1.98
N SER C 114 29.97 16.95 -1.87
CA SER C 114 30.84 17.04 -3.04
C SER C 114 30.73 15.81 -3.96
N GLN C 115 30.42 14.65 -3.38
CA GLN C 115 30.37 13.39 -4.12
C GLN C 115 28.99 12.97 -4.65
N PHE C 116 27.95 13.77 -4.36
CA PHE C 116 26.58 13.35 -4.70
C PHE C 116 26.42 13.09 -6.18
N ALA C 117 25.77 11.97 -6.47
CA ALA C 117 25.55 11.56 -7.84
C ALA C 117 24.34 10.62 -7.95
N ILE C 118 23.61 10.77 -9.05
CA ILE C 118 22.48 9.93 -9.37
C ILE C 118 22.73 9.19 -10.68
N VAL C 119 22.44 7.90 -10.68
CA VAL C 119 22.73 7.06 -11.82
C VAL C 119 21.42 6.42 -12.31
N THR C 120 21.23 6.45 -13.63
CA THR C 120 20.05 5.87 -14.27
C THR C 120 20.45 5.09 -15.51
N GLN C 121 19.50 4.38 -16.11
CA GLN C 121 19.77 3.73 -17.40
C GLN C 121 20.16 4.83 -18.39
N TYR C 122 20.96 4.47 -19.39
CA TYR C 122 21.27 5.39 -20.49
C TYR C 122 20.41 5.03 -21.71
N ILE C 123 19.89 6.04 -22.39
CA ILE C 123 19.01 5.79 -23.53
C ILE C 123 19.59 6.38 -24.80
N SER C 124 19.89 5.48 -25.72
CA SER C 124 20.72 5.75 -26.88
C SER C 124 20.12 6.73 -27.88
N GLY C 125 18.80 6.81 -27.96
CA GLY C 125 18.13 7.56 -29.03
C GLY C 125 17.96 9.05 -28.79
N GLY C 126 18.59 9.57 -27.73
CA GLY C 126 18.63 11.01 -27.46
C GLY C 126 17.30 11.58 -26.99
N SER C 127 17.22 12.91 -26.96
CA SER C 127 16.02 13.59 -26.50
C SER C 127 15.06 13.78 -27.64
N LEU C 128 13.78 13.81 -27.30
CA LEU C 128 12.77 14.12 -28.29
C LEU C 128 12.98 15.49 -28.90
N PHE C 129 13.30 16.47 -28.05
CA PHE C 129 13.55 17.85 -28.50
C PHE C 129 14.53 17.84 -29.68
N SER C 130 15.63 17.15 -29.48
CA SER C 130 16.63 16.97 -30.52
C SER C 130 16.01 16.36 -31.77
N LEU C 131 15.54 15.12 -31.67
CA LEU C 131 14.95 14.41 -32.82
C LEU C 131 14.02 15.34 -33.59
N LEU C 132 13.17 16.08 -32.88
CA LEU C 132 12.22 16.97 -33.50
C LEU C 132 12.83 18.25 -34.09
N HIS C 133 13.77 18.85 -33.36
CA HIS C 133 14.20 20.22 -33.67
C HIS C 133 15.62 20.41 -34.14
N GLU C 134 16.49 19.48 -33.83
CA GLU C 134 17.87 19.56 -34.31
C GLU C 134 18.04 18.64 -35.49
N GLN C 135 17.80 17.35 -35.31
CA GLN C 135 17.82 16.41 -36.42
C GLN C 135 16.71 16.70 -37.42
N LYS C 136 15.53 17.03 -36.90
CA LYS C 136 14.35 17.31 -37.72
C LYS C 136 13.90 16.11 -38.56
N ARG C 137 13.85 14.91 -37.95
CA ARG C 137 13.40 13.71 -38.69
C ARG C 137 11.90 13.79 -38.97
N ILE C 138 11.49 13.26 -40.12
CA ILE C 138 10.07 13.23 -40.48
C ILE C 138 9.48 11.92 -40.01
N LEU C 139 8.51 12.00 -39.09
CA LEU C 139 7.86 10.82 -38.56
C LEU C 139 6.46 10.69 -39.13
N ASP C 140 6.04 9.45 -39.35
CA ASP C 140 4.65 9.17 -39.69
C ASP C 140 3.80 9.42 -38.45
N LEU C 141 2.49 9.54 -38.63
CA LEU C 141 1.61 9.77 -37.49
C LEU C 141 1.78 8.69 -36.43
N GLN C 142 1.96 7.44 -36.86
CA GLN C 142 2.10 6.33 -35.93
C GLN C 142 3.27 6.52 -34.96
N SER C 143 4.46 6.76 -35.52
CA SER C 143 5.65 6.99 -34.72
C SER C 143 5.45 8.07 -33.67
N LYS C 144 4.77 9.14 -34.06
CA LYS C 144 4.42 10.23 -33.14
C LYS C 144 3.57 9.71 -31.98
N LEU C 145 2.45 9.07 -32.32
CA LEU C 145 1.50 8.60 -31.31
C LEU C 145 2.08 7.57 -30.36
N ILE C 146 2.98 6.73 -30.86
CA ILE C 146 3.69 5.78 -30.02
C ILE C 146 4.41 6.52 -28.88
N ILE C 147 5.14 7.57 -29.22
CA ILE C 147 5.83 8.39 -28.23
C ILE C 147 4.81 9.00 -27.28
N ALA C 148 3.80 9.66 -27.85
CA ALA C 148 2.75 10.33 -27.06
C ALA C 148 2.10 9.39 -26.04
N VAL C 149 1.72 8.20 -26.49
CA VAL C 149 1.12 7.20 -25.61
C VAL C 149 2.11 6.71 -24.55
N ASP C 150 3.34 6.44 -24.95
CA ASP C 150 4.37 6.06 -24.00
C ASP C 150 4.56 7.10 -22.89
N VAL C 151 4.74 8.36 -23.27
CA VAL C 151 4.91 9.42 -22.28
C VAL C 151 3.68 9.50 -21.39
N ALA C 152 2.50 9.38 -21.98
CA ALA C 152 1.25 9.39 -21.21
C ALA C 152 1.18 8.26 -20.19
N LYS C 153 1.56 7.06 -20.60
CA LYS C 153 1.54 5.89 -19.70
C LYS C 153 2.47 6.07 -18.52
N GLY C 154 3.64 6.63 -18.78
CA GLY C 154 4.59 6.97 -17.72
C GLY C 154 4.01 7.98 -16.75
N MET C 155 3.31 8.97 -17.29
CA MET C 155 2.69 10.01 -16.45
C MET C 155 1.54 9.43 -15.62
N GLU C 156 0.71 8.63 -16.29
CA GLU C 156 -0.36 7.90 -15.61
C GLU C 156 0.23 7.15 -14.42
N TYR C 157 1.29 6.41 -14.69
CA TYR C 157 1.95 5.61 -13.68
C TYR C 157 2.27 6.51 -12.48
N LEU C 158 3.05 7.54 -12.73
CA LEU C 158 3.47 8.46 -11.69
C LEU C 158 2.29 8.95 -10.87
N HIS C 159 1.25 9.40 -11.58
CA HIS C 159 0.10 10.04 -10.95
C HIS C 159 -0.76 9.08 -10.11
N ASN C 160 -0.71 7.79 -10.45
CA ASN C 160 -1.53 6.80 -9.76
C ASN C 160 -0.80 5.86 -8.80
N LEU C 161 0.39 6.27 -8.38
CA LEU C 161 1.07 5.56 -7.30
C LEU C 161 0.30 5.82 -6.01
N THR C 162 0.45 4.90 -5.06
CA THR C 162 -0.12 5.03 -3.73
C THR C 162 0.08 6.46 -3.22
N GLN C 163 1.35 6.89 -3.21
CA GLN C 163 1.72 8.27 -2.91
C GLN C 163 2.15 8.90 -4.26
N PRO C 164 1.20 9.59 -4.95
CA PRO C 164 1.46 10.13 -6.30
C PRO C 164 2.60 11.14 -6.41
N ILE C 165 3.19 11.19 -7.61
CA ILE C 165 4.33 12.06 -7.90
C ILE C 165 4.01 13.01 -9.04
N ILE C 166 4.32 14.29 -8.84
CA ILE C 166 4.25 15.28 -9.89
C ILE C 166 5.64 15.45 -10.45
N HIS C 167 5.76 15.42 -11.77
CA HIS C 167 7.06 15.55 -12.39
C HIS C 167 7.52 17.00 -12.30
N ARG C 168 6.58 17.91 -12.57
CA ARG C 168 6.76 19.36 -12.42
C ARG C 168 7.67 20.03 -13.50
N ASP C 169 8.16 19.25 -14.48
CA ASP C 169 9.15 19.74 -15.46
C ASP C 169 9.22 18.88 -16.74
N LEU C 170 8.07 18.33 -17.12
CA LEU C 170 7.95 17.59 -18.36
C LEU C 170 8.14 18.52 -19.55
N ASN C 171 8.95 18.04 -20.50
CA ASN C 171 9.19 18.73 -21.77
C ASN C 171 9.98 17.81 -22.70
N SER C 172 10.19 18.26 -23.93
CA SER C 172 10.87 17.47 -24.95
C SER C 172 12.35 17.24 -24.67
N HIS C 173 12.93 17.95 -23.70
CA HIS C 173 14.30 17.64 -23.25
C HIS C 173 14.36 16.40 -22.33
N ASN C 174 13.27 16.18 -21.59
CA ASN C 174 13.21 15.13 -20.58
C ASN C 174 12.45 13.92 -21.04
N ILE C 175 12.02 13.94 -22.29
CA ILE C 175 11.46 12.77 -22.92
C ILE C 175 12.56 12.13 -23.75
N LEU C 176 12.96 10.92 -23.38
CA LEU C 176 14.06 10.23 -24.05
C LEU C 176 13.56 9.06 -24.89
N LEU C 177 14.22 8.87 -26.03
CA LEU C 177 13.80 7.90 -27.02
C LEU C 177 14.73 6.69 -27.08
N TYR C 178 14.14 5.49 -27.04
CA TYR C 178 14.84 4.28 -27.42
C TYR C 178 15.01 4.30 -28.94
N GLU C 179 15.91 3.46 -29.45
CA GLU C 179 16.11 3.36 -30.91
C GLU C 179 14.89 2.79 -31.64
N ASP C 180 14.08 1.97 -30.96
CA ASP C 180 12.84 1.44 -31.53
C ASP C 180 11.68 2.43 -31.49
N GLY C 181 11.93 3.65 -31.03
CA GLY C 181 10.93 4.72 -31.09
C GLY C 181 9.95 4.76 -29.94
N HIS C 182 10.22 3.95 -28.90
CA HIS C 182 9.53 4.05 -27.63
C HIS C 182 10.23 5.12 -26.79
N ALA C 183 9.52 5.62 -25.78
CA ALA C 183 9.96 6.81 -25.06
C ALA C 183 9.84 6.66 -23.54
N VAL C 184 10.68 7.38 -22.82
CA VAL C 184 10.61 7.39 -21.36
C VAL C 184 10.73 8.80 -20.79
N VAL C 185 10.08 8.99 -19.66
CA VAL C 185 10.11 10.26 -18.96
C VAL C 185 11.37 10.26 -18.10
N ALA C 186 12.06 11.40 -18.04
CA ALA C 186 13.33 11.48 -17.31
C ALA C 186 13.49 12.75 -16.47
N ASP C 187 14.61 12.83 -15.76
CA ASP C 187 14.99 14.03 -15.01
C ASP C 187 13.96 14.44 -13.97
N PHE C 188 14.03 13.81 -12.80
CA PHE C 188 13.06 14.05 -11.74
C PHE C 188 13.53 15.11 -10.74
N GLY C 189 14.45 15.97 -11.18
CA GLY C 189 15.06 16.98 -10.29
C GLY C 189 14.10 18.01 -9.70
N GLU C 190 12.95 18.17 -10.35
CA GLU C 190 11.95 19.13 -9.91
C GLU C 190 10.70 18.42 -9.37
N SER C 191 10.71 17.09 -9.39
CA SER C 191 9.55 16.32 -9.01
C SER C 191 9.28 16.46 -7.53
N ARG C 192 7.98 16.52 -7.19
CA ARG C 192 7.49 16.61 -5.82
C ARG C 192 6.46 15.51 -5.57
N PHE C 193 6.44 15.00 -4.34
CA PHE C 193 5.32 14.17 -3.87
C PHE C 193 4.11 15.06 -3.71
N LEU C 194 2.95 14.55 -4.08
CA LEU C 194 1.74 15.33 -3.93
C LEU C 194 1.41 15.47 -2.44
N GLN C 195 1.27 16.71 -1.99
CA GLN C 195 0.82 17.01 -0.62
C GLN C 195 -0.71 16.78 -0.54
N SER C 196 -1.20 16.31 0.61
CA SER C 196 -2.64 15.97 0.76
C SER C 196 -3.54 17.22 0.73
N GLN C 205 -10.45 27.44 3.08
CA GLN C 205 -11.22 27.94 4.21
C GLN C 205 -11.14 29.48 4.39
N PRO C 206 -9.90 30.06 4.48
CA PRO C 206 -9.75 31.48 4.90
C PRO C 206 -10.25 32.53 3.89
N GLY C 207 -10.95 33.55 4.42
CA GLY C 207 -11.76 34.54 3.67
C GLY C 207 -11.00 35.69 3.01
N ASN C 208 -9.75 35.88 3.43
CA ASN C 208 -8.84 36.81 2.77
C ASN C 208 -8.72 36.53 1.26
N LEU C 209 -8.74 35.24 0.92
CA LEU C 209 -8.67 34.78 -0.47
C LEU C 209 -9.51 35.56 -1.49
N ARG C 210 -10.67 36.07 -1.06
CA ARG C 210 -11.59 36.74 -1.97
C ARG C 210 -11.02 38.04 -2.55
N TRP C 211 -10.12 38.71 -1.81
CA TRP C 211 -9.53 39.95 -2.27
C TRP C 211 -8.09 39.76 -2.74
N MET C 212 -7.63 38.51 -2.80
CA MET C 212 -6.23 38.24 -3.19
C MET C 212 -6.00 38.31 -4.68
N ALA C 213 -4.84 38.86 -5.05
CA ALA C 213 -4.39 38.83 -6.43
C ALA C 213 -4.16 37.39 -6.84
N PRO C 214 -4.52 37.03 -8.08
CA PRO C 214 -4.41 35.67 -8.60
C PRO C 214 -3.06 35.05 -8.28
N GLU C 215 -2.01 35.81 -8.55
CA GLU C 215 -0.63 35.33 -8.33
C GLU C 215 -0.36 34.95 -6.88
N VAL C 216 -1.08 35.58 -5.94
CA VAL C 216 -0.90 35.31 -4.51
C VAL C 216 -1.70 34.04 -4.17
N PHE C 217 -2.93 33.97 -4.68
CA PHE C 217 -3.80 32.82 -4.46
C PHE C 217 -3.10 31.56 -4.92
N THR C 218 -2.62 31.59 -6.15
CA THR C 218 -1.83 30.50 -6.71
C THR C 218 -0.70 30.05 -5.80
N GLN C 219 -0.08 30.98 -5.09
CA GLN C 219 1.04 30.69 -4.17
C GLN C 219 0.67 30.15 -2.78
N CYS C 220 -0.57 30.36 -2.33
CA CYS C 220 -1.10 29.73 -1.11
C CYS C 220 -1.71 28.37 -1.37
N THR C 221 -1.85 28.03 -2.64
CA THR C 221 -2.51 26.80 -3.07
C THR C 221 -1.43 25.75 -3.33
N ARG C 222 -1.80 24.49 -3.10
CA ARG C 222 -0.91 23.34 -3.36
C ARG C 222 -0.80 23.01 -4.87
N TYR C 223 0.40 22.60 -5.31
CA TYR C 223 0.61 22.13 -6.69
C TYR C 223 -0.23 20.86 -6.89
N THR C 224 -0.82 20.68 -8.06
CA THR C 224 -1.52 19.42 -8.38
C THR C 224 -0.85 18.67 -9.54
N ILE C 225 -1.36 17.47 -9.82
CA ILE C 225 -0.88 16.68 -10.97
C ILE C 225 -1.33 17.25 -12.32
N LYS C 226 -2.33 18.11 -12.29
CA LYS C 226 -2.89 18.68 -13.50
C LYS C 226 -1.94 19.66 -14.17
N ALA C 227 -0.90 20.09 -13.46
CA ALA C 227 0.15 20.91 -14.06
C ALA C 227 0.94 20.14 -15.13
N ASP C 228 1.23 18.87 -14.83
CA ASP C 228 1.89 17.99 -15.78
C ASP C 228 1.07 17.82 -17.07
N VAL C 229 -0.24 17.83 -16.92
CA VAL C 229 -1.13 17.59 -18.06
C VAL C 229 -1.01 18.76 -19.03
N PHE C 230 -0.97 19.98 -18.48
CA PHE C 230 -0.77 21.17 -19.29
C PHE C 230 0.56 21.07 -20.05
N SER C 231 1.62 20.72 -19.32
CA SER C 231 2.92 20.57 -19.92
C SER C 231 2.86 19.56 -21.06
N TYR C 232 2.27 18.40 -20.77
CA TYR C 232 2.14 17.36 -21.78
C TYR C 232 1.44 17.87 -23.03
N ALA C 233 0.33 18.59 -22.86
CA ALA C 233 -0.44 19.12 -24.00
C ALA C 233 0.54 19.79 -24.95
N LEU C 234 1.34 20.69 -24.41
CA LEU C 234 2.33 21.38 -25.23
C LEU C 234 3.29 20.42 -25.93
N CYS C 235 3.84 19.45 -25.18
CA CYS C 235 4.64 18.40 -25.77
C CYS C 235 3.89 17.72 -26.91
N LEU C 236 2.64 17.37 -26.66
CA LEU C 236 1.88 16.69 -27.69
C LEU C 236 1.78 17.54 -28.95
N TRP C 237 1.41 18.81 -28.81
CA TRP C 237 1.36 19.75 -29.95
C TRP C 237 2.72 19.83 -30.63
N GLU C 238 3.76 19.97 -29.82
CA GLU C 238 5.13 20.04 -30.29
C GLU C 238 5.45 18.83 -31.15
N ILE C 239 5.01 17.65 -30.71
CA ILE C 239 5.28 16.41 -31.42
C ILE C 239 4.64 16.44 -32.79
N LEU C 240 3.33 16.63 -32.79
CA LEU C 240 2.54 16.56 -34.02
C LEU C 240 2.98 17.58 -35.07
N THR C 241 3.32 18.79 -34.66
CA THR C 241 3.68 19.87 -35.58
C THR C 241 5.17 19.94 -35.89
N GLY C 242 6.00 19.35 -35.05
CA GLY C 242 7.45 19.46 -35.17
C GLY C 242 7.99 20.80 -34.72
N GLU C 243 7.12 21.66 -34.21
CA GLU C 243 7.52 23.00 -33.86
C GLU C 243 7.71 23.15 -32.35
N ILE C 244 8.72 23.93 -31.96
CA ILE C 244 8.84 24.41 -30.59
C ILE C 244 7.67 25.37 -30.31
N PRO C 245 7.01 25.24 -29.13
CA PRO C 245 5.88 26.10 -28.86
C PRO C 245 6.30 27.56 -28.77
N PHE C 246 5.65 28.46 -29.50
CA PHE C 246 6.02 29.87 -29.49
C PHE C 246 7.45 30.13 -29.93
N ALA C 247 7.90 29.42 -30.97
CA ALA C 247 9.30 29.44 -31.38
C ALA C 247 9.89 30.86 -31.38
N HIS C 248 9.06 31.82 -31.79
CA HIS C 248 9.39 33.22 -31.88
C HIS C 248 9.59 33.95 -30.54
N LEU C 249 9.32 33.31 -29.42
CA LEU C 249 9.45 33.99 -28.12
C LEU C 249 10.49 33.33 -27.26
N LYS C 250 11.04 34.08 -26.33
CA LYS C 250 11.89 33.53 -25.29
C LYS C 250 11.00 32.93 -24.19
N PRO C 251 11.52 31.98 -23.42
CA PRO C 251 10.64 31.15 -22.60
C PRO C 251 9.70 31.91 -21.66
N ALA C 252 10.23 32.89 -20.94
CA ALA C 252 9.43 33.67 -19.99
C ALA C 252 8.35 34.48 -20.68
N ALA C 253 8.69 35.04 -21.85
CA ALA C 253 7.71 35.73 -22.66
C ALA C 253 6.57 34.76 -22.99
N ALA C 254 6.94 33.56 -23.42
CA ALA C 254 5.95 32.51 -23.68
C ALA C 254 5.11 32.20 -22.42
N ALA C 255 5.76 31.85 -21.33
CA ALA C 255 5.03 31.50 -20.10
C ALA C 255 4.06 32.63 -19.71
N ALA C 256 4.47 33.88 -19.86
CA ALA C 256 3.62 35.03 -19.52
C ALA C 256 2.39 35.07 -20.42
N ASP C 257 2.63 35.00 -21.73
CA ASP C 257 1.51 35.04 -22.68
C ASP C 257 0.48 33.92 -22.44
N MET C 258 0.95 32.73 -22.10
CA MET C 258 0.04 31.61 -21.80
C MET C 258 -0.76 31.87 -20.54
N ALA C 259 -0.10 32.45 -19.55
CA ALA C 259 -0.72 32.62 -18.24
C ALA C 259 -1.55 33.89 -18.16
N TYR C 260 -1.04 35.01 -18.65
CA TYR C 260 -1.76 36.28 -18.50
C TYR C 260 -2.73 36.49 -19.64
N HIS C 261 -2.21 36.49 -20.87
CA HIS C 261 -3.00 36.84 -22.04
C HIS C 261 -3.61 35.61 -22.71
N HIS C 262 -3.60 34.49 -21.97
CA HIS C 262 -4.32 33.28 -22.38
C HIS C 262 -3.99 32.75 -23.80
N ILE C 263 -2.80 33.02 -24.28
CA ILE C 263 -2.41 32.58 -25.60
C ILE C 263 -2.04 31.08 -25.57
N ARG C 264 -2.32 30.40 -26.67
CA ARG C 264 -1.99 28.99 -26.86
C ARG C 264 -1.42 28.77 -28.27
N PRO C 265 -0.79 27.61 -28.51
CA PRO C 265 -0.33 27.36 -29.87
C PRO C 265 -1.46 27.19 -30.87
N PRO C 266 -1.19 27.49 -32.15
CA PRO C 266 -2.22 27.40 -33.18
C PRO C 266 -2.47 25.97 -33.67
N ILE C 267 -3.74 25.62 -33.78
CA ILE C 267 -4.15 24.30 -34.24
C ILE C 267 -4.63 24.40 -35.70
N GLY C 268 -3.80 23.90 -36.61
CA GLY C 268 -4.13 23.84 -38.04
C GLY C 268 -4.52 22.44 -38.45
N TYR C 269 -5.12 22.30 -39.63
CA TYR C 269 -5.52 20.99 -40.19
C TYR C 269 -4.36 19.96 -40.18
N SER C 270 -3.14 20.43 -39.94
CA SER C 270 -1.99 19.60 -39.53
C SER C 270 -2.29 18.62 -38.37
N ILE C 271 -3.24 18.97 -37.49
CA ILE C 271 -3.62 18.13 -36.36
C ILE C 271 -5.02 17.56 -36.57
N PRO C 272 -5.21 16.25 -36.29
CA PRO C 272 -6.52 15.61 -36.43
C PRO C 272 -7.53 16.00 -35.36
N LYS C 273 -8.82 15.92 -35.71
CA LYS C 273 -9.92 16.44 -34.87
C LYS C 273 -10.03 15.78 -33.48
N PRO C 274 -9.93 14.44 -33.41
CA PRO C 274 -10.10 13.82 -32.09
C PRO C 274 -9.02 14.27 -31.11
N ILE C 275 -7.78 14.29 -31.58
CA ILE C 275 -6.64 14.73 -30.79
C ILE C 275 -6.72 16.20 -30.39
N SER C 276 -7.20 17.04 -31.32
CA SER C 276 -7.22 18.47 -31.09
C SER C 276 -8.20 18.87 -30.00
N SER C 277 -9.24 18.07 -29.81
CA SER C 277 -10.10 18.24 -28.64
C SER C 277 -9.31 18.02 -27.34
N LEU C 278 -8.53 16.94 -27.28
CA LEU C 278 -7.68 16.66 -26.13
C LEU C 278 -6.72 17.82 -25.81
N LEU C 279 -6.00 18.27 -26.82
CA LEU C 279 -5.09 19.42 -26.71
C LEU C 279 -5.70 20.63 -26.00
N ILE C 280 -6.84 21.06 -26.50
CA ILE C 280 -7.50 22.25 -25.99
C ILE C 280 -7.88 22.08 -24.52
N ARG C 281 -8.40 20.91 -24.19
CA ARG C 281 -8.76 20.58 -22.82
C ARG C 281 -7.51 20.42 -21.95
N GLY C 282 -6.47 19.82 -22.52
CA GLY C 282 -5.21 19.61 -21.83
C GLY C 282 -4.51 20.88 -21.37
N TRP C 283 -4.59 21.93 -22.18
CA TRP C 283 -4.00 23.23 -21.81
C TRP C 283 -5.04 24.29 -21.36
N ASN C 284 -6.14 23.81 -20.79
CA ASN C 284 -7.13 24.68 -20.18
C ASN C 284 -6.51 25.50 -19.06
N ALA C 285 -6.93 26.75 -18.94
CA ALA C 285 -6.48 27.59 -17.84
C ALA C 285 -6.90 27.02 -16.48
N CYS C 286 -8.06 26.37 -16.45
CA CYS C 286 -8.52 25.73 -15.22
C CYS C 286 -7.89 24.34 -15.15
N PRO C 287 -7.03 24.09 -14.14
CA PRO C 287 -6.50 22.74 -13.91
C PRO C 287 -7.59 21.67 -13.90
N GLU C 288 -8.71 21.95 -13.23
CA GLU C 288 -9.78 20.95 -13.04
C GLU C 288 -10.45 20.60 -14.37
N GLY C 289 -10.39 21.54 -15.33
CA GLY C 289 -10.90 21.32 -16.68
C GLY C 289 -10.06 20.38 -17.51
N ARG C 290 -8.81 20.17 -17.10
CA ARG C 290 -7.88 19.31 -17.84
C ARG C 290 -8.20 17.85 -17.57
N PRO C 291 -7.87 16.96 -18.52
CA PRO C 291 -8.10 15.51 -18.35
C PRO C 291 -7.12 14.81 -17.38
N GLU C 292 -7.46 13.60 -16.97
CA GLU C 292 -6.53 12.77 -16.20
C GLU C 292 -5.74 11.97 -17.21
N PHE C 293 -4.52 11.60 -16.90
CA PHE C 293 -3.67 10.90 -17.88
C PHE C 293 -4.24 9.57 -18.35
N SER C 294 -5.05 8.93 -17.51
CA SER C 294 -5.74 7.71 -17.90
C SER C 294 -6.58 7.92 -19.15
N GLU C 295 -7.36 8.98 -19.14
CA GLU C 295 -8.20 9.32 -20.30
C GLU C 295 -7.35 9.66 -21.53
N VAL C 296 -6.21 10.31 -21.32
CA VAL C 296 -5.31 10.64 -22.42
C VAL C 296 -4.89 9.36 -23.13
N VAL C 297 -4.40 8.41 -22.34
CA VAL C 297 -3.99 7.10 -22.82
C VAL C 297 -5.08 6.43 -23.67
N MET C 298 -6.30 6.39 -23.13
CA MET C 298 -7.42 5.69 -23.80
C MET C 298 -7.58 6.23 -25.21
N LYS C 299 -7.83 7.54 -25.30
CA LYS C 299 -8.08 8.24 -26.56
C LYS C 299 -6.93 8.10 -27.54
N LEU C 300 -5.70 8.18 -27.05
CA LEU C 300 -4.55 8.04 -27.93
C LEU C 300 -4.33 6.60 -28.40
N GLU C 301 -4.71 5.62 -27.57
CA GLU C 301 -4.63 4.21 -27.99
C GLU C 301 -5.75 3.91 -29.00
N GLU C 302 -6.90 4.51 -28.77
CA GLU C 302 -8.01 4.45 -29.73
C GLU C 302 -7.58 4.98 -31.09
N CYS C 303 -6.79 6.04 -31.10
CA CYS C 303 -6.25 6.60 -32.35
C CYS C 303 -5.27 5.63 -32.97
N LEU C 304 -4.41 5.04 -32.17
CA LEU C 304 -3.46 4.04 -32.68
C LEU C 304 -4.15 2.86 -33.39
N CYS C 305 -5.34 2.48 -32.92
CA CYS C 305 -6.16 1.48 -33.62
C CYS C 305 -6.52 1.89 -35.04
N ASN C 306 -6.61 3.20 -35.29
CA ASN C 306 -6.98 3.72 -36.59
C ASN C 306 -5.78 4.27 -37.34
N LEU D 33 11.03 -9.01 -12.33
CA LEU D 33 11.53 -8.34 -11.08
C LEU D 33 12.17 -6.99 -11.42
N PRO D 34 12.03 -5.99 -10.55
CA PRO D 34 12.68 -4.69 -10.77
C PRO D 34 14.05 -4.80 -11.44
N SER D 35 14.17 -4.26 -12.66
CA SER D 35 15.34 -4.45 -13.54
C SER D 35 16.71 -4.28 -12.85
N HIS D 36 16.79 -3.33 -11.94
CA HIS D 36 18.03 -3.06 -11.21
C HIS D 36 18.53 -4.24 -10.37
N PHE D 37 17.61 -5.06 -9.88
CA PHE D 37 17.95 -6.28 -9.12
C PHE D 37 18.54 -7.40 -9.99
N HIS D 38 18.32 -7.33 -11.31
CA HIS D 38 18.85 -8.35 -12.21
C HIS D 38 20.36 -8.38 -12.09
N LEU D 39 20.90 -9.59 -12.07
CA LEU D 39 22.34 -9.83 -11.92
C LEU D 39 22.80 -10.80 -12.99
N GLN D 40 23.99 -10.54 -13.51
CA GLN D 40 24.68 -11.52 -14.35
C GLN D 40 25.69 -12.24 -13.50
N LEU D 41 26.01 -13.48 -13.90
CA LEU D 41 26.92 -14.32 -13.13
C LEU D 41 28.29 -13.64 -12.98
N SER D 42 28.75 -12.99 -14.05
CA SER D 42 29.98 -12.19 -14.03
C SER D 42 30.05 -11.07 -12.98
N GLU D 43 28.91 -10.60 -12.48
CA GLU D 43 28.90 -9.54 -11.47
C GLU D 43 29.19 -10.08 -10.07
N ILE D 44 29.25 -11.41 -9.95
CA ILE D 44 29.38 -12.10 -8.67
C ILE D 44 30.74 -12.76 -8.56
N GLU D 45 31.52 -12.33 -7.58
CA GLU D 45 32.82 -12.93 -7.29
C GLU D 45 32.66 -13.95 -6.16
N PHE D 46 32.80 -15.23 -6.49
CA PHE D 46 32.64 -16.33 -5.52
C PHE D 46 33.89 -16.53 -4.67
N HIS D 47 33.69 -16.90 -3.42
CA HIS D 47 34.77 -17.39 -2.57
C HIS D 47 34.32 -18.75 -1.99
N GLU D 48 34.58 -18.98 -0.69
CA GLU D 48 34.39 -20.28 -0.07
C GLU D 48 32.92 -20.64 0.08
N ILE D 49 32.64 -21.92 0.22
CA ILE D 49 31.30 -22.38 0.55
C ILE D 49 31.10 -22.16 2.03
N ILE D 50 29.90 -21.78 2.43
CA ILE D 50 29.56 -21.51 3.83
C ILE D 50 28.34 -22.29 4.35
N GLY D 51 27.69 -23.00 3.45
CA GLY D 51 26.50 -23.76 3.81
C GLY D 51 26.13 -24.71 2.69
N SER D 52 25.33 -25.72 3.03
CA SER D 52 24.94 -26.74 2.06
C SER D 52 23.55 -27.34 2.32
N GLY D 53 23.23 -28.37 1.54
CA GLY D 53 21.94 -29.05 1.58
C GLY D 53 21.62 -29.71 0.24
N SER D 54 20.53 -30.49 0.20
CA SER D 54 20.03 -31.07 -1.07
C SER D 54 19.62 -29.95 -2.05
N PHE D 55 19.15 -28.84 -1.50
CA PHE D 55 18.71 -27.68 -2.30
C PHE D 55 19.82 -27.10 -3.19
N GLY D 56 21.04 -27.10 -2.68
CA GLY D 56 22.17 -26.47 -3.35
C GLY D 56 23.20 -26.04 -2.33
N LYS D 57 24.06 -25.10 -2.71
CA LYS D 57 25.14 -24.62 -1.83
C LYS D 57 25.07 -23.11 -1.62
N VAL D 58 25.64 -22.62 -0.50
CA VAL D 58 25.70 -21.19 -0.21
C VAL D 58 27.15 -20.77 -0.06
N TYR D 59 27.51 -19.68 -0.73
CA TYR D 59 28.89 -19.20 -0.79
C TYR D 59 29.03 -17.84 -0.14
N LYS D 60 30.21 -17.58 0.40
CA LYS D 60 30.62 -16.22 0.71
C LYS D 60 31.23 -15.70 -0.57
N GLY D 61 31.23 -14.38 -0.72
CA GLY D 61 31.80 -13.76 -1.92
C GLY D 61 31.78 -12.26 -1.90
N ARG D 62 31.80 -11.69 -3.11
CA ARG D 62 31.79 -10.24 -3.32
C ARG D 62 30.85 -9.94 -4.47
N CYS D 63 30.03 -8.90 -4.33
CA CYS D 63 29.13 -8.43 -5.41
C CYS D 63 28.78 -6.96 -5.26
N ARG D 64 28.75 -6.26 -6.40
CA ARG D 64 28.47 -4.82 -6.47
C ARG D 64 29.02 -4.08 -5.26
N ASN D 65 30.30 -4.33 -4.99
CA ASN D 65 31.09 -3.58 -4.02
C ASN D 65 30.73 -3.84 -2.57
N LYS D 66 30.20 -5.04 -2.30
CA LYS D 66 29.76 -5.42 -0.94
C LYS D 66 30.15 -6.88 -0.72
N ILE D 67 30.47 -7.23 0.52
CA ILE D 67 30.68 -8.63 0.87
C ILE D 67 29.29 -9.29 0.99
N VAL D 68 29.12 -10.41 0.30
CA VAL D 68 27.80 -11.03 0.18
C VAL D 68 27.81 -12.53 0.49
N ALA D 69 26.60 -13.06 0.73
CA ALA D 69 26.35 -14.50 0.65
C ALA D 69 25.55 -14.76 -0.62
N ILE D 70 25.88 -15.85 -1.30
CA ILE D 70 25.24 -16.24 -2.57
C ILE D 70 24.65 -17.64 -2.45
N LYS D 71 23.34 -17.77 -2.71
CA LYS D 71 22.70 -19.09 -2.78
C LYS D 71 22.65 -19.52 -4.22
N ARG D 72 22.83 -20.81 -4.49
CA ARG D 72 22.72 -21.37 -5.83
C ARG D 72 21.97 -22.71 -5.87
N TYR D 73 20.96 -22.82 -6.74
CA TYR D 73 19.91 -23.87 -6.62
C TYR D 73 20.27 -25.26 -7.22
N SER D 82 8.33 -26.75 -11.94
CA SER D 82 8.12 -26.94 -10.51
C SER D 82 9.22 -26.26 -9.67
N ASP D 83 10.47 -26.63 -9.95
CA ASP D 83 11.63 -26.03 -9.28
C ASP D 83 11.82 -24.53 -9.64
N VAL D 84 11.29 -24.10 -10.77
CA VAL D 84 11.36 -22.69 -11.20
C VAL D 84 10.29 -21.83 -10.54
N ASP D 85 9.08 -22.37 -10.43
CA ASP D 85 8.01 -21.69 -9.70
C ASP D 85 8.53 -21.19 -8.36
N MET D 86 9.18 -22.10 -7.63
CA MET D 86 9.69 -21.81 -6.29
C MET D 86 10.79 -20.76 -6.23
N PHE D 87 11.54 -20.63 -7.31
CA PHE D 87 12.56 -19.60 -7.39
C PHE D 87 11.93 -18.20 -7.51
N CYS D 88 10.96 -18.04 -8.39
CA CYS D 88 10.28 -16.76 -8.56
C CYS D 88 9.58 -16.34 -7.30
N ARG D 89 8.98 -17.33 -6.64
CA ARG D 89 8.37 -17.13 -5.35
C ARG D 89 9.41 -16.56 -4.37
N GLU D 90 10.55 -17.23 -4.28
CA GLU D 90 11.58 -16.81 -3.32
C GLU D 90 12.12 -15.43 -3.67
N VAL D 91 12.29 -15.17 -4.96
CA VAL D 91 12.77 -13.87 -5.41
C VAL D 91 11.73 -12.75 -5.23
N SER D 92 10.47 -13.04 -5.57
CA SER D 92 9.40 -12.07 -5.46
C SER D 92 9.18 -11.66 -4.00
N ILE D 93 9.52 -12.55 -3.08
CA ILE D 93 9.49 -12.22 -1.67
C ILE D 93 10.69 -11.34 -1.27
N LEU D 94 11.89 -11.77 -1.65
CA LEU D 94 13.10 -11.09 -1.22
C LEU D 94 13.15 -9.63 -1.65
N CYS D 95 12.76 -9.32 -2.87
CA CYS D 95 12.80 -7.93 -3.36
C CYS D 95 11.97 -6.96 -2.49
N GLN D 96 10.85 -7.44 -1.96
CA GLN D 96 9.97 -6.65 -1.08
C GLN D 96 10.61 -6.29 0.28
N LEU D 97 11.62 -7.03 0.72
CA LEU D 97 12.10 -6.90 2.10
C LEU D 97 13.00 -5.70 2.31
N ASN D 98 12.68 -4.89 3.33
CA ASN D 98 13.51 -3.76 3.73
C ASN D 98 13.31 -3.40 5.19
N HIS D 99 14.10 -4.06 6.03
CA HIS D 99 13.99 -3.92 7.47
C HIS D 99 15.29 -4.35 8.13
N PRO D 100 15.74 -3.63 9.18
CA PRO D 100 17.07 -3.91 9.78
C PRO D 100 17.25 -5.31 10.39
N CYS D 101 16.15 -5.86 10.90
CA CYS D 101 16.13 -7.24 11.43
C CYS D 101 15.78 -8.33 10.40
N VAL D 102 15.83 -7.99 9.12
CA VAL D 102 15.60 -8.97 8.06
C VAL D 102 16.76 -8.84 7.05
N ILE D 103 17.13 -9.95 6.42
CA ILE D 103 18.25 -9.96 5.49
C ILE D 103 18.01 -8.96 4.34
N GLN D 104 19.09 -8.33 3.87
CA GLN D 104 19.03 -7.40 2.76
C GLN D 104 19.22 -8.14 1.47
N PHE D 105 18.26 -8.03 0.56
CA PHE D 105 18.39 -8.54 -0.79
C PHE D 105 19.35 -7.65 -1.58
N VAL D 106 20.06 -8.25 -2.53
CA VAL D 106 21.00 -7.50 -3.36
C VAL D 106 20.70 -7.70 -4.85
N GLY D 107 20.20 -8.87 -5.20
CA GLY D 107 19.87 -9.16 -6.59
C GLY D 107 19.83 -10.65 -6.82
N ALA D 108 19.51 -11.03 -8.04
CA ALA D 108 19.41 -12.44 -8.39
C ALA D 108 19.66 -12.61 -9.87
N CYS D 109 20.25 -13.74 -10.25
CA CYS D 109 20.55 -14.02 -11.64
C CYS D 109 19.41 -14.83 -12.24
N LEU D 110 19.00 -14.46 -13.45
CA LEU D 110 17.82 -15.06 -14.08
C LEU D 110 18.05 -15.57 -15.50
N ASN D 111 19.30 -15.68 -15.94
CA ASN D 111 19.59 -16.14 -17.31
C ASN D 111 18.95 -17.49 -17.69
N ASP D 112 19.30 -18.55 -16.96
CA ASP D 112 18.69 -19.86 -17.17
C ASP D 112 18.65 -20.66 -15.85
N PRO D 113 17.89 -21.77 -15.82
CA PRO D 113 17.84 -22.62 -14.63
C PRO D 113 19.21 -23.01 -14.05
N SER D 114 20.18 -23.28 -14.91
CA SER D 114 21.53 -23.65 -14.45
C SER D 114 22.28 -22.50 -13.76
N GLN D 115 21.94 -21.26 -14.12
CA GLN D 115 22.61 -20.07 -13.59
C GLN D 115 21.93 -19.38 -12.40
N PHE D 116 20.77 -19.88 -11.99
CA PHE D 116 20.00 -19.18 -10.96
C PHE D 116 20.84 -18.97 -9.72
N ALA D 117 20.74 -17.76 -9.18
CA ALA D 117 21.47 -17.41 -7.97
C ALA D 117 20.82 -16.24 -7.25
N ILE D 118 20.82 -16.30 -5.92
CA ILE D 118 20.29 -15.24 -5.07
C ILE D 118 21.44 -14.68 -4.26
N VAL D 119 21.47 -13.37 -4.11
CA VAL D 119 22.55 -12.68 -3.42
C VAL D 119 22.01 -11.79 -2.31
N THR D 120 22.61 -11.88 -1.14
CA THR D 120 22.17 -11.08 0.00
C THR D 120 23.37 -10.49 0.69
N GLN D 121 23.15 -9.64 1.69
CA GLN D 121 24.23 -9.14 2.53
C GLN D 121 24.87 -10.33 3.22
N TYR D 122 26.15 -10.26 3.52
CA TYR D 122 26.80 -11.31 4.28
C TYR D 122 26.88 -10.85 5.73
N ILE D 123 26.65 -11.75 6.68
CA ILE D 123 26.70 -11.38 8.08
C ILE D 123 27.77 -12.17 8.82
N SER D 124 28.72 -11.41 9.36
CA SER D 124 29.96 -11.95 9.87
C SER D 124 29.85 -12.82 11.10
N GLY D 125 28.84 -12.60 11.94
CA GLY D 125 28.81 -13.28 13.24
C GLY D 125 28.24 -14.69 13.29
N GLY D 126 27.98 -15.26 12.11
CA GLY D 126 27.51 -16.64 12.01
C GLY D 126 26.07 -16.85 12.45
N SER D 127 25.70 -18.12 12.57
CA SER D 127 24.34 -18.47 12.94
C SER D 127 24.21 -18.52 14.43
N LEU D 128 23.02 -18.22 14.90
CA LEU D 128 22.71 -18.35 16.31
C LEU D 128 22.92 -19.79 16.78
N PHE D 129 22.42 -20.76 16.01
CA PHE D 129 22.56 -22.17 16.36
C PHE D 129 24.00 -22.48 16.75
N SER D 130 24.92 -22.01 15.92
CA SER D 130 26.34 -22.14 16.19
C SER D 130 26.74 -21.51 17.50
N LEU D 131 26.57 -20.19 17.57
CA LEU D 131 26.95 -19.45 18.76
C LEU D 131 26.47 -20.17 20.01
N LEU D 132 25.23 -20.64 19.98
CA LEU D 132 24.64 -21.33 21.14
C LEU D 132 25.14 -22.75 21.37
N HIS D 133 25.32 -23.51 20.29
CA HIS D 133 25.55 -24.96 20.42
C HIS D 133 26.93 -25.48 20.05
N GLU D 134 27.63 -24.80 19.14
CA GLU D 134 28.94 -25.26 18.71
C GLU D 134 29.97 -24.47 19.49
N GLN D 135 29.95 -23.14 19.39
CA GLN D 135 30.85 -22.30 20.18
C GLN D 135 30.49 -22.37 21.66
N LYS D 136 29.20 -22.40 21.94
CA LYS D 136 28.67 -22.46 23.30
C LYS D 136 29.10 -21.26 24.14
N ARG D 137 28.95 -20.06 23.56
CA ARG D 137 29.27 -18.82 24.25
C ARG D 137 28.27 -18.54 25.38
N ILE D 138 28.75 -18.03 26.52
CA ILE D 138 27.87 -17.69 27.66
C ILE D 138 27.41 -16.25 27.54
N LEU D 139 26.12 -16.05 27.34
CA LEU D 139 25.55 -14.72 27.20
C LEU D 139 24.83 -14.31 28.46
N ASP D 140 24.90 -13.02 28.78
CA ASP D 140 24.04 -12.44 29.82
C ASP D 140 22.62 -12.41 29.31
N LEU D 141 21.67 -12.26 30.23
CA LEU D 141 20.28 -12.18 29.84
C LEU D 141 20.02 -11.07 28.81
N GLN D 142 20.68 -9.93 28.95
CA GLN D 142 20.50 -8.82 28.03
C GLN D 142 20.81 -9.23 26.58
N SER D 143 22.01 -9.78 26.37
CA SER D 143 22.44 -10.22 25.05
C SER D 143 21.41 -11.14 24.41
N LYS D 144 20.89 -12.07 25.19
CA LYS D 144 19.84 -12.98 24.74
C LYS D 144 18.59 -12.23 24.26
N LEU D 145 18.05 -11.37 25.11
CA LEU D 145 16.83 -10.62 24.79
C LEU D 145 17.01 -9.70 23.58
N ILE D 146 18.19 -9.12 23.44
CA ILE D 146 18.48 -8.30 22.26
C ILE D 146 18.22 -9.11 20.99
N ILE D 147 18.73 -10.33 20.94
CA ILE D 147 18.51 -11.20 19.79
C ILE D 147 17.03 -11.51 19.65
N ALA D 148 16.42 -11.92 20.76
CA ALA D 148 14.98 -12.27 20.78
C ALA D 148 14.08 -11.15 20.26
N VAL D 149 14.33 -9.95 20.73
CA VAL D 149 13.58 -8.77 20.29
C VAL D 149 13.85 -8.48 18.80
N ASP D 150 15.11 -8.53 18.39
CA ASP D 150 15.45 -8.32 16.98
C ASP D 150 14.71 -9.29 16.06
N VAL D 151 14.82 -10.58 16.37
CA VAL D 151 14.12 -11.58 15.57
C VAL D 151 12.61 -11.27 15.55
N ALA D 152 12.04 -10.98 16.72
CA ALA D 152 10.60 -10.64 16.83
C ALA D 152 10.17 -9.45 15.96
N LYS D 153 10.98 -8.38 15.98
CA LYS D 153 10.74 -7.21 15.12
C LYS D 153 10.75 -7.54 13.62
N GLY D 154 11.74 -8.34 13.20
CA GLY D 154 11.80 -8.82 11.83
C GLY D 154 10.55 -9.62 11.45
N MET D 155 10.09 -10.45 12.38
CA MET D 155 8.90 -11.26 12.14
C MET D 155 7.66 -10.38 12.10
N GLU D 156 7.58 -9.45 13.06
CA GLU D 156 6.51 -8.45 13.06
C GLU D 156 6.43 -7.78 11.70
N TYR D 157 7.59 -7.32 11.24
CA TYR D 157 7.70 -6.60 9.98
C TYR D 157 7.08 -7.42 8.87
N LEU D 158 7.58 -8.64 8.71
CA LEU D 158 7.09 -9.56 7.69
C LEU D 158 5.58 -9.73 7.76
N HIS D 159 5.07 -9.99 8.96
CA HIS D 159 3.66 -10.31 9.16
C HIS D 159 2.74 -9.12 8.90
N ASN D 160 3.25 -7.91 9.06
CA ASN D 160 2.44 -6.70 8.90
C ASN D 160 2.68 -5.90 7.62
N LEU D 161 3.23 -6.54 6.61
CA LEU D 161 3.31 -5.93 5.29
C LEU D 161 1.92 -5.95 4.70
N THR D 162 1.69 -5.01 3.79
CA THR D 162 0.42 -4.91 3.04
C THR D 162 -0.04 -6.29 2.62
N GLN D 163 0.86 -7.02 1.96
CA GLN D 163 0.67 -8.43 1.60
C GLN D 163 1.64 -9.24 2.48
N PRO D 164 1.16 -9.72 3.66
CA PRO D 164 2.00 -10.40 4.65
C PRO D 164 2.73 -11.63 4.13
N ILE D 165 3.87 -11.91 4.78
CA ILE D 165 4.75 -13.04 4.44
C ILE D 165 4.97 -13.97 5.63
N ILE D 166 4.79 -15.26 5.39
CA ILE D 166 5.10 -16.30 6.36
C ILE D 166 6.46 -16.85 6.02
N HIS D 167 7.34 -16.91 7.00
CA HIS D 167 8.70 -17.37 6.77
C HIS D 167 8.69 -18.88 6.55
N ARG D 168 7.91 -19.56 7.40
CA ARG D 168 7.64 -21.01 7.30
C ARG D 168 8.83 -21.92 7.69
N ASP D 169 9.93 -21.35 8.16
CA ASP D 169 11.17 -22.12 8.41
C ASP D 169 12.12 -21.38 9.36
N LEU D 170 11.57 -20.62 10.28
CA LEU D 170 12.37 -19.94 11.28
C LEU D 170 13.01 -20.99 12.18
N ASN D 171 14.28 -20.75 12.51
CA ASN D 171 15.04 -21.57 13.44
C ASN D 171 16.42 -20.94 13.70
N SER D 172 17.19 -21.52 14.62
CA SER D 172 18.51 -20.97 14.96
C SER D 172 19.59 -21.06 13.86
N HIS D 173 19.32 -21.79 12.79
CA HIS D 173 20.20 -21.77 11.61
C HIS D 173 20.00 -20.56 10.73
N ASN D 174 18.77 -20.02 10.73
CA ASN D 174 18.38 -18.92 9.84
C ASN D 174 18.34 -17.60 10.53
N ILE D 175 18.70 -17.61 11.80
CA ILE D 175 18.90 -16.39 12.57
C ILE D 175 20.39 -16.11 12.57
N LEU D 176 20.75 -14.99 11.94
CA LEU D 176 22.16 -14.62 11.79
C LEU D 176 22.51 -13.42 12.64
N LEU D 177 23.71 -13.46 13.21
CA LEU D 177 24.19 -12.47 14.18
C LEU D 177 25.23 -11.53 13.62
N TYR D 178 25.01 -10.24 13.82
CA TYR D 178 26.05 -9.24 13.60
C TYR D 178 27.04 -9.36 14.74
N GLU D 179 28.23 -8.82 14.54
CA GLU D 179 29.24 -8.86 15.58
C GLU D 179 28.84 -8.09 16.83
N ASP D 180 28.00 -7.07 16.67
CA ASP D 180 27.51 -6.31 17.82
C ASP D 180 26.36 -7.00 18.54
N GLY D 181 26.00 -8.21 18.11
CA GLY D 181 25.00 -9.02 18.83
C GLY D 181 23.55 -8.74 18.48
N HIS D 182 23.34 -7.95 17.43
CA HIS D 182 22.04 -7.80 16.81
C HIS D 182 21.86 -8.96 15.84
N ALA D 183 20.62 -9.20 15.42
CA ALA D 183 20.31 -10.42 14.70
C ALA D 183 19.36 -10.14 13.55
N VAL D 184 19.45 -10.97 12.50
CA VAL D 184 18.53 -10.88 11.37
C VAL D 184 17.97 -12.25 10.96
N VAL D 185 16.76 -12.21 10.42
CA VAL D 185 16.09 -13.39 9.93
C VAL D 185 16.58 -13.63 8.51
N ALA D 186 16.81 -14.88 8.15
CA ALA D 186 17.37 -15.22 6.85
C ALA D 186 16.72 -16.42 6.17
N ASP D 187 17.16 -16.70 4.95
CA ASP D 187 16.77 -17.89 4.20
C ASP D 187 15.27 -17.99 3.97
N PHE D 188 14.79 -17.29 2.96
CA PHE D 188 13.36 -17.23 2.66
C PHE D 188 12.92 -18.31 1.63
N GLY D 189 13.70 -19.38 1.52
CA GLY D 189 13.43 -20.44 0.54
C GLY D 189 12.11 -21.17 0.73
N GLU D 190 11.56 -21.12 1.95
CA GLU D 190 10.31 -21.78 2.25
C GLU D 190 9.19 -20.77 2.45
N SER D 191 9.50 -19.49 2.33
CA SER D 191 8.53 -18.45 2.63
C SER D 191 7.41 -18.42 1.59
N ARG D 192 6.19 -18.15 2.08
CA ARG D 192 4.98 -18.05 1.26
C ARG D 192 4.32 -16.73 1.57
N PHE D 193 3.69 -16.14 0.57
CA PHE D 193 2.73 -15.06 0.77
C PHE D 193 1.47 -15.64 1.43
N LEU D 194 0.86 -14.90 2.33
CA LEU D 194 -0.35 -15.37 2.98
C LEU D 194 -1.51 -15.34 1.98
N GLN D 195 -2.18 -16.48 1.80
CA GLN D 195 -3.41 -16.55 0.98
C GLN D 195 -4.57 -15.96 1.78
N SER D 196 -5.51 -15.31 1.09
CA SER D 196 -6.65 -14.64 1.75
C SER D 196 -7.61 -15.66 2.38
N GLY D 207 -19.28 -29.40 5.26
CA GLY D 207 -19.76 -30.36 6.27
C GLY D 207 -19.06 -31.72 6.39
N ASN D 208 -18.36 -32.14 5.33
CA ASN D 208 -17.47 -33.31 5.42
C ASN D 208 -16.50 -33.17 6.61
N LEU D 209 -15.99 -31.93 6.82
CA LEU D 209 -14.97 -31.59 7.87
C LEU D 209 -15.21 -32.24 9.23
N ARG D 210 -16.46 -32.45 9.59
CA ARG D 210 -16.79 -32.98 10.93
C ARG D 210 -16.33 -34.40 11.23
N TRP D 211 -16.15 -35.22 10.21
CA TRP D 211 -15.69 -36.60 10.40
C TRP D 211 -14.25 -36.77 9.95
N MET D 212 -13.61 -35.67 9.51
CA MET D 212 -12.26 -35.72 8.96
C MET D 212 -11.25 -36.02 10.07
N ALA D 213 -10.24 -36.81 9.72
CA ALA D 213 -9.08 -36.94 10.57
C ALA D 213 -8.36 -35.58 10.63
N PRO D 214 -7.85 -35.22 11.80
CA PRO D 214 -7.12 -34.00 11.99
C PRO D 214 -6.10 -33.72 10.89
N GLU D 215 -5.30 -34.73 10.56
CA GLU D 215 -4.26 -34.56 9.55
C GLU D 215 -4.81 -34.15 8.20
N VAL D 216 -6.05 -34.53 7.93
CA VAL D 216 -6.70 -34.19 6.68
C VAL D 216 -7.27 -32.78 6.73
N PHE D 217 -7.87 -32.44 7.87
CA PHE D 217 -8.38 -31.10 8.12
C PHE D 217 -7.29 -30.04 8.00
N THR D 218 -6.20 -30.27 8.71
CA THR D 218 -5.01 -29.43 8.59
C THR D 218 -4.59 -29.19 7.11
N GLN D 219 -4.67 -30.23 6.28
CA GLN D 219 -4.27 -30.14 4.86
C GLN D 219 -5.25 -29.41 3.93
N CYS D 220 -6.52 -29.34 4.31
CA CYS D 220 -7.55 -28.56 3.60
CA CYS D 220 -7.51 -28.55 3.56
C CYS D 220 -7.57 -27.11 4.08
N THR D 221 -6.80 -26.82 5.12
CA THR D 221 -6.74 -25.51 5.72
C THR D 221 -5.49 -24.78 5.23
N ARG D 222 -5.58 -23.45 5.15
CA ARG D 222 -4.48 -22.62 4.64
C ARG D 222 -3.51 -22.23 5.75
N TYR D 223 -2.22 -22.22 5.44
CA TYR D 223 -1.17 -21.89 6.42
C TYR D 223 -1.45 -20.50 6.99
N THR D 224 -1.15 -20.26 8.27
CA THR D 224 -1.23 -18.89 8.84
C THR D 224 0.13 -18.40 9.35
N ILE D 225 0.17 -17.13 9.76
CA ILE D 225 1.37 -16.54 10.33
C ILE D 225 1.69 -17.10 11.71
N LYS D 226 0.69 -17.71 12.35
CA LYS D 226 0.83 -18.22 13.71
C LYS D 226 1.75 -19.43 13.78
N ALA D 227 2.05 -20.04 12.63
CA ALA D 227 3.04 -21.13 12.56
C ALA D 227 4.44 -20.63 12.91
N ASP D 228 4.78 -19.45 12.39
CA ASP D 228 6.04 -18.78 12.72
C ASP D 228 6.18 -18.49 14.22
N VAL D 229 5.06 -18.21 14.87
CA VAL D 229 5.07 -17.87 16.29
C VAL D 229 5.45 -19.10 17.12
N PHE D 230 4.91 -20.24 16.72
CA PHE D 230 5.26 -21.49 17.36
C PHE D 230 6.75 -21.72 17.23
N SER D 231 7.25 -21.61 16.00
CA SER D 231 8.67 -21.79 15.73
C SER D 231 9.51 -20.86 16.58
N TYR D 232 9.15 -19.59 16.58
CA TYR D 232 9.84 -18.60 17.40
C TYR D 232 9.90 -19.02 18.89
N ALA D 233 8.77 -19.45 19.44
CA ALA D 233 8.73 -19.86 20.83
C ALA D 233 9.90 -20.80 21.10
N LEU D 234 10.02 -21.83 20.27
CA LEU D 234 11.10 -22.79 20.42
C LEU D 234 12.46 -22.10 20.37
N CYS D 235 12.66 -21.25 19.36
CA CYS D 235 13.88 -20.46 19.28
C CYS D 235 14.10 -19.74 20.62
N LEU D 236 13.07 -19.06 21.11
CA LEU D 236 13.22 -18.31 22.33
C LEU D 236 13.63 -19.18 23.53
N TRP D 237 13.02 -20.35 23.66
CA TRP D 237 13.43 -21.32 24.68
C TRP D 237 14.87 -21.76 24.47
N GLU D 238 15.18 -22.05 23.20
CA GLU D 238 16.51 -22.48 22.81
C GLU D 238 17.54 -21.43 23.26
N ILE D 239 17.22 -20.16 23.02
CA ILE D 239 18.12 -19.06 23.32
C ILE D 239 18.39 -19.01 24.80
N LEU D 240 17.31 -18.91 25.57
CA LEU D 240 17.43 -18.73 27.01
C LEU D 240 18.18 -19.88 27.69
N THR D 241 17.90 -21.12 27.28
CA THR D 241 18.48 -22.32 27.91
C THR D 241 19.82 -22.75 27.31
N GLY D 242 20.12 -22.32 26.10
CA GLY D 242 21.31 -22.77 25.38
C GLY D 242 21.16 -24.16 24.78
N GLU D 243 20.00 -24.77 24.97
CA GLU D 243 19.80 -26.14 24.57
C GLU D 243 19.04 -26.22 23.28
N ILE D 244 19.41 -27.20 22.44
CA ILE D 244 18.61 -27.59 21.29
C ILE D 244 17.34 -28.22 21.81
N PRO D 245 16.19 -27.83 21.25
CA PRO D 245 14.94 -28.45 21.71
C PRO D 245 14.90 -29.96 21.45
N PHE D 246 14.60 -30.73 22.50
CA PHE D 246 14.55 -32.19 22.38
C PHE D 246 15.87 -32.74 21.87
N ALA D 247 16.97 -32.28 22.47
CA ALA D 247 18.31 -32.66 22.02
C ALA D 247 18.46 -34.17 21.81
N HIS D 248 17.81 -34.91 22.71
CA HIS D 248 17.80 -36.38 22.71
C HIS D 248 17.03 -37.05 21.57
N LEU D 249 16.32 -36.28 20.74
CA LEU D 249 15.52 -36.85 19.66
C LEU D 249 15.95 -36.37 18.31
N LYS D 250 15.70 -37.20 17.30
CA LYS D 250 15.90 -36.79 15.93
C LYS D 250 14.69 -35.94 15.52
N PRO D 251 14.85 -35.09 14.48
CA PRO D 251 13.87 -34.02 14.25
C PRO D 251 12.41 -34.46 14.07
N ALA D 252 12.20 -35.50 13.26
CA ALA D 252 10.85 -36.01 13.03
C ALA D 252 10.23 -36.60 14.30
N ALA D 253 11.03 -37.32 15.08
CA ALA D 253 10.57 -37.81 16.38
C ALA D 253 10.07 -36.61 17.20
N ALA D 254 10.86 -35.55 17.24
CA ALA D 254 10.50 -34.32 17.94
C ALA D 254 9.21 -33.73 17.40
N ALA D 255 9.16 -33.50 16.08
CA ALA D 255 7.94 -32.91 15.48
C ALA D 255 6.67 -33.73 15.77
N ALA D 256 6.81 -35.05 15.79
CA ALA D 256 5.70 -35.95 16.14
C ALA D 256 5.23 -35.77 17.58
N ASP D 257 6.18 -35.84 18.51
CA ASP D 257 5.88 -35.70 19.92
C ASP D 257 5.21 -34.36 20.23
N MET D 258 5.66 -33.30 19.59
CA MET D 258 5.03 -31.99 19.78
C MET D 258 3.62 -31.94 19.23
N ALA D 259 3.42 -32.60 18.09
CA ALA D 259 2.14 -32.54 17.41
C ALA D 259 1.15 -33.58 17.91
N TYR D 260 1.60 -34.82 18.12
CA TYR D 260 0.66 -35.87 18.53
C TYR D 260 0.50 -35.95 20.03
N HIS D 261 1.61 -36.15 20.73
CA HIS D 261 1.60 -36.36 22.19
C HIS D 261 1.80 -35.05 22.99
N HIS D 262 1.63 -33.93 22.31
CA HIS D 262 1.57 -32.60 22.94
C HIS D 262 2.76 -32.29 23.87
N ILE D 263 3.91 -32.85 23.55
CA ILE D 263 5.11 -32.60 24.33
C ILE D 263 5.73 -31.24 23.98
N ARG D 264 6.27 -30.57 25.00
CA ARG D 264 6.95 -29.29 24.83
C ARG D 264 8.26 -29.30 25.64
N PRO D 265 9.15 -28.32 25.39
CA PRO D 265 10.36 -28.29 26.19
C PRO D 265 10.08 -27.97 27.67
N PRO D 266 10.98 -28.37 28.57
CA PRO D 266 10.79 -28.14 29.99
C PRO D 266 11.19 -26.74 30.40
N ILE D 267 10.34 -26.11 31.21
CA ILE D 267 10.59 -24.77 31.74
C ILE D 267 11.03 -24.85 33.20
N GLY D 268 12.32 -24.61 33.41
CA GLY D 268 12.92 -24.55 34.75
C GLY D 268 13.20 -23.12 35.19
N TYR D 269 13.43 -22.93 36.49
CA TYR D 269 13.74 -21.61 37.06
C TYR D 269 14.87 -20.86 36.31
N SER D 270 15.57 -21.59 35.44
CA SER D 270 16.41 -21.02 34.36
C SER D 270 15.72 -19.94 33.51
N ILE D 271 14.40 -20.01 33.39
CA ILE D 271 13.62 -19.03 32.62
C ILE D 271 12.78 -18.16 33.55
N PRO D 272 12.79 -16.82 33.35
CA PRO D 272 11.99 -15.90 34.18
C PRO D 272 10.49 -16.00 33.92
N LYS D 273 9.71 -15.63 34.93
CA LYS D 273 8.25 -15.81 34.92
C LYS D 273 7.50 -15.07 33.82
N PRO D 274 7.84 -13.79 33.57
CA PRO D 274 7.05 -13.04 32.56
C PRO D 274 7.22 -13.66 31.17
N ILE D 275 8.47 -14.00 30.84
CA ILE D 275 8.80 -14.62 29.57
C ILE D 275 8.16 -16.00 29.43
N SER D 276 8.15 -16.78 30.51
CA SER D 276 7.68 -18.18 30.45
C SER D 276 6.18 -18.27 30.15
N SER D 277 5.43 -17.23 30.54
CA SER D 277 4.05 -17.13 30.10
C SER D 277 3.96 -17.03 28.57
N LEU D 278 4.75 -16.13 27.99
CA LEU D 278 4.82 -15.98 26.53
C LEU D 278 5.15 -17.29 25.81
N LEU D 279 6.21 -17.96 26.26
CA LEU D 279 6.61 -19.29 25.75
C LEU D 279 5.44 -20.26 25.62
N ILE D 280 4.72 -20.44 26.72
CA ILE D 280 3.63 -21.41 26.78
C ILE D 280 2.52 -21.06 25.79
N ARG D 281 2.18 -19.79 25.74
CA ARG D 281 1.19 -19.32 24.80
C ARG D 281 1.71 -19.42 23.37
N GLY D 282 2.99 -19.12 23.18
CA GLY D 282 3.62 -19.16 21.87
C GLY D 282 3.59 -20.51 21.20
N TRP D 283 3.78 -21.57 21.98
CA TRP D 283 3.76 -22.92 21.42
C TRP D 283 2.45 -23.67 21.73
N ASN D 284 1.38 -22.92 21.89
CA ASN D 284 0.04 -23.48 22.04
C ASN D 284 -0.29 -24.38 20.85
N ALA D 285 -1.00 -25.47 21.10
CA ALA D 285 -1.49 -26.31 20.02
C ALA D 285 -2.49 -25.58 19.12
N CYS D 286 -3.26 -24.66 19.69
CA CYS D 286 -4.19 -23.88 18.91
C CYS D 286 -3.41 -22.69 18.37
N PRO D 287 -3.34 -22.56 17.03
CA PRO D 287 -2.74 -21.34 16.45
C PRO D 287 -3.35 -20.04 16.98
N GLU D 288 -4.67 -20.02 17.13
CA GLU D 288 -5.37 -18.79 17.53
C GLU D 288 -5.02 -18.40 18.96
N GLY D 289 -4.62 -19.39 19.75
CA GLY D 289 -4.18 -19.16 21.12
C GLY D 289 -2.82 -18.49 21.24
N ARG D 290 -2.04 -18.53 20.17
CA ARG D 290 -0.70 -17.95 20.14
C ARG D 290 -0.76 -16.44 19.96
N PRO D 291 0.22 -15.72 20.52
CA PRO D 291 0.27 -14.25 20.38
C PRO D 291 0.59 -13.74 18.98
N GLU D 292 0.41 -12.45 18.74
CA GLU D 292 0.89 -11.81 17.52
C GLU D 292 2.29 -11.31 17.84
N PHE D 293 3.14 -11.16 16.83
CA PHE D 293 4.53 -10.74 17.07
C PHE D 293 4.67 -9.33 17.65
N SER D 294 3.68 -8.49 17.39
CA SER D 294 3.63 -7.16 18.01
C SER D 294 3.65 -7.25 19.53
N GLU D 295 2.80 -8.11 20.07
CA GLU D 295 2.73 -8.34 21.51
C GLU D 295 4.01 -8.94 22.08
N VAL D 296 4.63 -9.84 21.31
CA VAL D 296 5.92 -10.44 21.70
C VAL D 296 6.96 -9.34 21.89
N VAL D 297 7.07 -8.46 20.89
CA VAL D 297 7.95 -7.31 20.94
C VAL D 297 7.75 -6.48 22.21
N MET D 298 6.50 -6.13 22.49
CA MET D 298 6.17 -5.26 23.63
C MET D 298 6.75 -5.84 24.90
N LYS D 299 6.32 -7.06 25.22
CA LYS D 299 6.71 -7.75 26.45
C LYS D 299 8.21 -7.91 26.56
N LEU D 300 8.86 -8.24 25.45
CA LEU D 300 10.30 -8.42 25.47
C LEU D 300 11.06 -7.10 25.61
N GLU D 301 10.50 -6.01 25.10
CA GLU D 301 11.12 -4.70 25.28
C GLU D 301 10.90 -4.20 26.70
N GLU D 302 9.75 -4.53 27.26
CA GLU D 302 9.45 -4.29 28.67
C GLU D 302 10.43 -4.99 29.60
N CYS D 303 10.83 -6.21 29.21
CA CYS D 303 11.85 -6.97 29.94
C CYS D 303 13.19 -6.26 29.83
N LEU D 304 13.53 -5.82 28.62
CA LEU D 304 14.80 -5.12 28.41
C LEU D 304 14.95 -3.89 29.27
N CYS D 305 13.84 -3.21 29.55
CA CYS D 305 13.84 -2.09 30.52
C CYS D 305 14.30 -2.51 31.91
N ASN D 306 14.05 -3.77 32.28
CA ASN D 306 14.39 -4.27 33.61
C ASN D 306 15.66 -5.15 33.67
N ILE D 307 16.18 -5.58 32.52
CA ILE D 307 17.23 -6.62 32.45
C ILE D 307 18.14 -6.66 33.69
C10 4CV E . -25.22 -40.53 -1.83
C13 4CV E . -26.54 -39.64 1.48
C15 4CV E . -26.32 -37.66 0.24
C17 4CV E . -25.77 -41.70 -2.34
C21 4CV E . -27.75 -45.51 -2.82
C26 4CV E . -29.73 -42.96 -0.46
C28 4CV E . -28.84 -43.65 -1.32
C02 4CV E . -24.31 -42.79 -7.24
N03 4CV E . -24.19 -43.49 -5.95
S04 4CV E . -22.94 -42.90 -4.92
O05 4CV E . -22.44 -44.04 -4.17
O06 4CV E . -22.04 -41.95 -5.59
C07 4CV E . -23.85 -41.97 -3.72
C08 4CV E . -23.29 -40.81 -3.24
C09 4CV E . -23.98 -40.10 -2.28
N11 4CV E . -25.92 -39.78 -0.86
C12 4CV E . -25.77 -40.43 0.44
O14 4CV E . -26.08 -38.29 1.49
C16 4CV E . -25.51 -38.38 -0.84
N18 4CV E . -27.04 -42.12 -1.87
C19 4CV E . -27.65 -43.37 -2.00
N20 4CV E . -27.12 -44.34 -2.76
N22 4CV E . -28.88 -45.91 -2.22
C23 4CV E . -29.38 -44.91 -1.48
N24 4CV E . -30.53 -44.98 -0.74
C25 4CV E . -30.76 -43.80 -0.11
BR2 4CV E . -29.56 -41.16 0.16
C29 4CV E . -25.07 -42.43 -3.30
C10 4CV F . -6.97 44.17 13.02
C13 4CV F . -10.22 43.74 11.34
C15 4CV F . -9.61 41.65 12.28
C17 4CV F . -6.84 45.38 13.67
C21 4CV F . -7.40 49.41 15.11
C26 4CV F . -10.84 47.45 14.55
C28 4CV F . -9.48 47.89 14.66
C02 4CV F . -2.52 45.79 16.49
N03 4CV F . -3.04 46.57 15.34
S04 4CV F . -2.85 45.87 13.78
O05 4CV F . -2.74 46.95 12.82
O06 4CV F . -1.93 44.74 13.79
C07 4CV F . -4.48 45.21 13.50
C08 4CV F . -4.56 43.99 12.87
C09 4CV F . -5.82 43.48 12.63
N11 4CV F . -8.25 43.62 12.76
C12 4CV F . -8.84 44.31 11.62
O14 4CV F . -10.16 42.31 11.14
C16 4CV F . -8.21 42.18 12.55
N18 4CV F . -8.03 46.04 14.05
C19 4CV F . -8.21 47.37 14.48
N20 4CV F . -7.16 48.15 14.71
N22 4CV F . -8.56 50.03 15.32
C23 4CV F . -9.58 49.21 15.08
N24 4CV F . -10.92 49.54 15.21
C25 4CV F . -11.71 48.47 14.88
BR2 4CV F . -11.34 45.70 13.99
C29 4CV F . -5.59 45.91 13.91
C10 4CV G . 19.14 14.52 -18.44
C13 4CV G . 18.48 16.23 -21.61
C15 4CV G . 19.80 17.66 -20.25
C17 4CV G . 19.39 13.17 -18.59
C21 4CV G . 19.66 9.13 -20.15
C26 4CV G . 20.64 11.93 -22.83
C28 4CV G . 20.26 11.17 -21.68
C02 4CV G . 20.84 10.70 -14.26
N03 4CV G . 19.68 10.58 -15.18
S04 4CV G . 18.39 11.71 -14.96
O05 4CV G . 17.15 11.04 -15.32
O06 4CV G . 18.52 12.47 -13.73
C07 4CV G . 18.70 12.82 -16.33
C08 4CV G . 18.43 14.16 -16.16
C09 4CV G . 18.66 15.00 -17.23
N11 4CV G . 19.35 15.41 -19.51
C12 4CV G . 18.21 15.33 -20.42
O14 4CV G . 18.66 17.56 -21.13
C16 4CV G . 19.62 16.76 -19.05
N18 4CV G . 19.90 12.72 -19.83
C19 4CV G . 19.92 11.41 -20.35
N20 4CV G . 19.62 10.35 -19.60
N22 4CV G . 19.95 8.78 -21.39
C23 4CV G . 20.25 9.86 -22.13
N24 4CV G . 20.60 9.83 -23.45
C25 4CV G . 20.84 11.10 -23.91
BR2 4CV G . 20.86 13.84 -22.89
C29 4CV G . 19.16 12.32 -17.53
C10 4CV H . 21.96 -19.43 4.52
C13 4CV H . 22.95 -21.11 7.65
C15 4CV H . 22.86 -22.75 5.92
C17 4CV H . 22.53 -18.17 4.39
C21 4CV H . 24.43 -14.37 5.19
C26 4CV H . 26.21 -17.42 7.01
C28 4CV H . 25.39 -16.54 6.24
C02 4CV H . 21.57 -15.89 -0.20
N03 4CV H . 21.27 -15.53 1.20
S04 4CV H . 19.94 -16.35 1.93
O05 4CV H . 19.37 -15.43 2.92
O06 4CV H . 19.17 -17.09 0.93
C07 4CV H . 20.75 -17.58 2.94
C08 4CV H . 20.16 -18.81 3.05
C09 4CV H . 20.78 -19.73 3.86
N11 4CV H . 22.58 -20.40 5.35
C12 4CV H . 22.27 -20.09 6.76
O14 4CV H . 22.54 -22.44 7.28
C16 4CV H . 22.19 -21.76 4.98
N18 4CV H . 23.74 -17.89 5.07
C19 4CV H . 24.31 -16.65 5.37
N20 4CV H . 23.85 -15.53 4.85
N22 4CV H . 25.46 -14.12 5.99
C23 4CV H . 25.90 -15.28 6.50
N24 4CV H . 26.95 -15.38 7.37
C25 4CV H . 27.16 -16.70 7.68
BR2 4CV H . 26.04 -19.32 7.06
C29 4CV H . 21.91 -17.24 3.59
#